data_8Y52
#
_entry.id   8Y52
#
_cell.length_a   1.00
_cell.length_b   1.00
_cell.length_c   1.00
_cell.angle_alpha   90.00
_cell.angle_beta   90.00
_cell.angle_gamma   90.00
#
_symmetry.space_group_name_H-M   'P 1'
#
loop_
_entity.id
_entity.type
_entity.pdbx_description
1 polymer 'Guanine nucleotide-binding protein G(q) subunit alpha'
2 polymer 'Guanine nucleotide-binding protein G(I)/G(S)/G(T) subunit beta-1'
3 polymer 'Guanine nucleotide-binding protein G(I)/G(S)/G(O) subunit gamma-2'
4 polymer 'Bombesin receptor subtype-3'
5 polymer BA1
#
loop_
_entity_poly.entity_id
_entity_poly.type
_entity_poly.pdbx_seq_one_letter_code
_entity_poly.pdbx_strand_id
1 'polypeptide(L)'
;MGCTLSAEDKAAVERSKMIEKQLQKDKQVYRRTLRLLLLGADNSGKSTIVKQMRIYHVNGYSEEECKQYKAVVYSNTIQS
IIAIIRAMGRLKIDFGDSARADDARQLFVLAGAAEEGFMTAELAGVIKRLWKDSGVQACFNRSREYQLNDSAAYYLNDLD
RIAQPNYIPTQQDVLRTRVKTSGIFETKFQVDKVNFHMFDVGAQRDERRKWIQCFNDVTAIIFVVDSSDYNRLQEALNDF
KSIWNNRWLRTISVILFLNKQDLLAEKVLAGKSKIEDYFPEFARYTTPEDATPEPGEDPRVTRAKYFIRKEFVDISTASG
DGRHICYPHFTCSVDTENARRIFNDCKDIILQMNLREYNLV
;
A
2 'polypeptide(L)'
;MGSLLQSELDQLRQEAEQLKNQIRDARKACADATLSQITNNIDPVGRIQMRTRRTLRGHLAKIYAMHWGTDSRLLVSASQ
DGKLIIWDSYTTNKVHAIPLRSSWVMTCAYAPSGNYVACGGLDNICSIYNLKTREGNVRVSRELAGHTGYLSCCRFLDDN
QIVTSSGDTTCALWDIETGQQTTTFTGHTGDVMSLSLAPDTRLFVSGACDASAKLWDVREGMCRQTFTGHESDINAICFF
PNGNAFATGSDDATCRLFDLRADQELMTYSHDNIICGITSVSFSKSGRLLLAGYDDFNCNVWDALKADRAGVLAGHDNRV
SCLGVTDDGMAVATGSWDSFLKIWN
;
B
3 'polypeptide(L)' MASNNTASIAQARKLVEQLKMEANIDRIKVSKAAADLMAYCEAHAKEDPLLTPVPASENPFREKKFFCAIL G
4 'polypeptide(L)'
;MAQRQPHSPNQTLISITNDTESSSSVVSNDNTNKGWSGDNSPGIEALCAIYITYAVIISVGILGNAILIKVFFKTKSMQT
VPNIFITSLAFGDLLLLLTCVPVDATHYLAEGWLFGRIGCKVLSFIRLTSVGVSVFTLTILSADRYKAVVKPLERQPSNA
ILKTCVKAGCVWIVSMIFALPEAIFSNVYTFRDPNKNMTFESCTSYPVSKKLLQEIHSLLCFLVFYIIPLSIISVYYSLI
ARTLYKSTLNIPTEEQSHARKQIESRKRIARTVLVLVALFALCWLPNHLLYLYHSFTSQTYVDPSAMHFIFTIFSRVLAF
SNSCVNPFALYWLSKSFQKHFKAQLFCCKAERPEPPVADTS
;
R
5 'polypeptide(L)' (DPN)QWAV(BAL)HF(NLE) X
#
# COMPACT_ATOMS: atom_id res chain seq x y z
N LEU A 5 -1.52 8.56 36.88
CA LEU A 5 -1.32 7.17 36.38
C LEU A 5 -1.76 6.16 37.44
N SER A 6 -3.06 6.08 37.66
CA SER A 6 -3.61 5.21 38.69
C SER A 6 -3.39 3.74 38.34
N ALA A 7 -3.79 2.86 39.26
CA ALA A 7 -3.58 1.43 39.08
C ALA A 7 -4.32 0.92 37.85
N GLU A 8 -5.52 1.45 37.58
CA GLU A 8 -6.26 1.04 36.39
C GLU A 8 -5.48 1.40 35.14
N ASP A 9 -4.84 2.56 35.12
CA ASP A 9 -4.00 2.93 33.99
C ASP A 9 -2.80 2.01 33.88
N LYS A 10 -2.23 1.60 35.01
CA LYS A 10 -1.14 0.62 34.97
C LYS A 10 -1.58 -0.67 34.32
N ALA A 11 -2.74 -1.20 34.72
CA ALA A 11 -3.24 -2.44 34.14
C ALA A 11 -3.54 -2.27 32.66
N ALA A 12 -4.11 -1.12 32.29
CA ALA A 12 -4.39 -0.87 30.88
C ALA A 12 -3.11 -0.84 30.06
N VAL A 13 -2.06 -0.19 30.57
CA VAL A 13 -0.80 -0.13 29.85
C VAL A 13 -0.17 -1.51 29.75
N GLU A 14 -0.28 -2.32 30.81
CA GLU A 14 0.26 -3.67 30.76
C GLU A 14 -0.47 -4.51 29.72
N ARG A 15 -1.80 -4.43 29.69
CA ARG A 15 -2.57 -5.16 28.70
C ARG A 15 -2.22 -4.68 27.28
N SER A 16 -2.03 -3.37 27.12
CA SER A 16 -1.67 -2.83 25.81
C SER A 16 -0.30 -3.36 25.37
N LYS A 17 0.65 -3.43 26.29
CA LYS A 17 1.97 -3.94 25.94
C LYS A 17 1.90 -5.42 25.58
N MET A 18 1.13 -6.21 26.33
CA MET A 18 0.97 -7.61 25.99
C MET A 18 0.35 -7.78 24.61
N ILE A 19 -0.70 -7.01 24.32
CA ILE A 19 -1.35 -7.09 23.01
C ILE A 19 -0.41 -6.64 21.91
N GLU A 20 0.44 -5.66 22.19
CA GLU A 20 1.40 -5.21 21.20
C GLU A 20 2.44 -6.28 20.90
N LYS A 21 2.91 -6.97 21.93
CA LYS A 21 3.84 -8.08 21.71
C LYS A 21 3.17 -9.18 20.89
N GLN A 22 1.93 -9.52 21.22
CA GLN A 22 1.22 -10.55 20.46
C GLN A 22 1.04 -10.12 19.01
N LEU A 23 0.70 -8.85 18.78
CA LEU A 23 0.49 -8.36 17.42
C LEU A 23 1.81 -8.31 16.64
N GLN A 24 2.92 -8.01 17.31
CA GLN A 24 4.21 -8.05 16.63
C GLN A 24 4.58 -9.47 16.23
N LYS A 25 4.35 -10.43 17.12
CA LYS A 25 4.59 -11.83 16.77
C LYS A 25 3.70 -12.25 15.59
N ASP A 26 2.43 -11.83 15.62
CA ASP A 26 1.53 -12.17 14.52
C ASP A 26 1.98 -11.52 13.22
N LYS A 27 2.48 -10.29 13.29
CA LYS A 27 2.98 -9.62 12.09
C LYS A 27 4.19 -10.33 11.53
N GLN A 28 5.10 -10.79 12.40
CA GLN A 28 6.23 -11.58 11.94
C GLN A 28 5.76 -12.85 11.23
N VAL A 29 4.87 -13.60 11.89
CA VAL A 29 4.38 -14.84 11.31
C VAL A 29 3.67 -14.58 9.98
N TYR A 30 2.98 -13.44 9.86
CA TYR A 30 2.25 -13.14 8.64
C TYR A 30 3.20 -12.76 7.51
N ARG A 31 4.07 -11.77 7.74
CA ARG A 31 5.01 -11.37 6.71
C ARG A 31 5.98 -12.49 6.34
N ARG A 32 6.12 -13.50 7.20
CA ARG A 32 6.91 -14.67 6.85
C ARG A 32 6.18 -15.58 5.86
N THR A 33 4.86 -15.47 5.78
CA THR A 33 4.06 -16.24 4.85
C THR A 33 3.76 -15.41 3.60
N LEU A 34 3.46 -16.10 2.50
CA LEU A 34 3.16 -15.47 1.22
C LEU A 34 1.73 -15.82 0.82
N ARG A 35 0.89 -14.80 0.65
CA ARG A 35 -0.50 -14.99 0.26
C ARG A 35 -0.61 -15.05 -1.26
N LEU A 36 -1.59 -15.83 -1.73
CA LEU A 36 -1.85 -15.98 -3.15
C LEU A 36 -3.34 -16.13 -3.37
N LEU A 37 -3.82 -15.59 -4.49
CA LEU A 37 -5.21 -15.74 -4.89
C LEU A 37 -5.32 -16.82 -5.97
N LEU A 38 -6.48 -17.45 -6.06
CA LEU A 38 -6.75 -18.46 -7.07
C LEU A 38 -8.05 -18.11 -7.79
N LEU A 39 -7.99 -18.02 -9.11
CA LEU A 39 -9.16 -17.69 -9.92
C LEU A 39 -9.24 -18.65 -11.10
N GLY A 40 -10.46 -18.85 -11.60
CA GLY A 40 -10.68 -19.73 -12.72
C GLY A 40 -12.13 -20.15 -12.85
N ALA A 41 -12.60 -20.31 -14.09
CA ALA A 41 -13.97 -20.70 -14.33
C ALA A 41 -14.22 -22.11 -13.81
N ASP A 42 -15.50 -22.51 -13.82
CA ASP A 42 -15.86 -23.86 -13.37
C ASP A 42 -15.23 -24.93 -14.25
N ASN A 43 -15.02 -24.64 -15.53
CA ASN A 43 -14.42 -25.63 -16.43
C ASN A 43 -12.96 -25.86 -16.12
N SER A 44 -12.28 -24.86 -15.55
CA SER A 44 -10.87 -25.00 -15.23
C SER A 44 -10.68 -26.05 -14.14
N GLY A 45 -9.50 -26.68 -14.15
CA GLY A 45 -9.19 -27.72 -13.18
C GLY A 45 -8.50 -27.19 -11.95
N LYS A 46 -8.96 -26.03 -11.44
CA LYS A 46 -8.35 -25.46 -10.25
C LYS A 46 -8.47 -26.41 -9.06
N SER A 47 -9.57 -27.15 -8.97
CA SER A 47 -9.74 -28.11 -7.89
C SER A 47 -8.68 -29.20 -7.97
N THR A 48 -8.39 -29.69 -9.18
CA THR A 48 -7.36 -30.70 -9.34
C THR A 48 -5.99 -30.14 -8.97
N ILE A 49 -5.73 -28.88 -9.32
CA ILE A 49 -4.45 -28.25 -8.97
C ILE A 49 -4.32 -28.16 -7.46
N VAL A 50 -5.40 -27.79 -6.77
CA VAL A 50 -5.37 -27.71 -5.31
C VAL A 50 -5.14 -29.09 -4.72
N LYS A 51 -5.81 -30.11 -5.26
CA LYS A 51 -5.63 -31.47 -4.74
C LYS A 51 -4.22 -31.99 -4.96
N GLN A 52 -3.56 -31.58 -6.04
CA GLN A 52 -2.22 -32.05 -6.31
C GLN A 52 -1.21 -31.47 -5.33
N MET A 53 -1.40 -30.24 -4.89
CA MET A 53 -0.44 -29.55 -4.02
C MET A 53 -0.65 -30.01 -2.57
N ARG A 54 -0.10 -31.20 -2.29
CA ARG A 54 -0.13 -31.77 -0.95
C ARG A 54 1.24 -31.71 -0.27
N ILE A 55 2.09 -30.78 -0.69
CA ILE A 55 3.44 -30.67 -0.12
C ILE A 55 3.33 -30.28 1.35
N THR A 181 -21.41 -23.57 2.48
CA THR A 181 -21.46 -22.23 1.91
C THR A 181 -20.19 -21.46 2.24
N SER A 182 -19.06 -22.16 2.28
CA SER A 182 -17.77 -21.55 2.58
C SER A 182 -17.31 -20.78 1.35
N GLY A 183 -17.60 -19.47 1.34
CA GLY A 183 -17.21 -18.63 0.22
C GLY A 183 -15.72 -18.47 0.02
N ILE A 184 -14.92 -18.89 1.00
CA ILE A 184 -13.46 -18.79 0.93
C ILE A 184 -12.87 -20.14 1.31
N PHE A 185 -11.84 -20.56 0.58
CA PHE A 185 -11.16 -21.83 0.83
C PHE A 185 -9.67 -21.56 0.90
N GLU A 186 -9.09 -21.78 2.08
CA GLU A 186 -7.67 -21.54 2.31
C GLU A 186 -6.90 -22.86 2.25
N THR A 187 -5.71 -22.81 1.66
CA THR A 187 -4.82 -23.97 1.58
C THR A 187 -3.41 -23.50 1.89
N LYS A 188 -2.85 -23.99 2.99
CA LYS A 188 -1.51 -23.64 3.42
C LYS A 188 -0.55 -24.78 3.09
N PHE A 189 0.56 -24.45 2.43
CA PHE A 189 1.59 -25.43 2.12
C PHE A 189 2.95 -24.76 2.25
N GLN A 190 4.01 -25.55 2.05
CA GLN A 190 5.37 -25.06 2.21
C GLN A 190 6.21 -25.53 1.03
N VAL A 191 7.04 -24.62 0.51
CA VAL A 191 7.93 -24.92 -0.60
C VAL A 191 9.25 -24.20 -0.35
N ASP A 192 10.36 -24.91 -0.49
CA ASP A 192 11.69 -24.34 -0.30
C ASP A 192 11.80 -23.65 1.06
N LYS A 193 11.06 -24.16 2.04
CA LYS A 193 11.10 -23.67 3.43
C LYS A 193 10.39 -22.34 3.60
N VAL A 194 9.51 -21.96 2.67
CA VAL A 194 8.69 -20.77 2.80
C VAL A 194 7.24 -21.17 2.63
N ASN A 195 6.36 -20.52 3.40
CA ASN A 195 4.94 -20.89 3.46
C ASN A 195 4.13 -20.10 2.46
N PHE A 196 3.20 -20.79 1.79
CA PHE A 196 2.29 -20.19 0.83
C PHE A 196 0.85 -20.50 1.24
N HIS A 197 0.02 -19.46 1.30
CA HIS A 197 -1.39 -19.59 1.63
C HIS A 197 -2.19 -19.19 0.39
N MET A 198 -2.77 -20.19 -0.29
CA MET A 198 -3.57 -19.96 -1.47
C MET A 198 -5.04 -19.88 -1.09
N PHE A 199 -5.73 -18.84 -1.53
CA PHE A 199 -7.13 -18.60 -1.21
C PHE A 199 -7.96 -18.67 -2.48
N ASP A 200 -8.97 -19.53 -2.48
CA ASP A 200 -9.88 -19.69 -3.59
C ASP A 200 -11.27 -19.16 -3.21
N VAL A 201 -11.91 -18.49 -4.15
CA VAL A 201 -13.22 -17.87 -3.92
C VAL A 201 -14.21 -18.45 -4.91
N GLY A 202 -14.03 -19.71 -5.28
CA GLY A 202 -14.90 -20.35 -6.25
C GLY A 202 -16.20 -20.88 -5.66
N ALA A 203 -16.70 -20.21 -4.63
CA ALA A 203 -17.96 -20.57 -3.98
C ALA A 203 -18.80 -19.33 -3.73
N GLN A 204 -18.87 -18.44 -4.72
CA GLN A 204 -19.64 -17.20 -4.61
C GLN A 204 -20.25 -16.88 -5.97
N ARG A 205 -20.97 -15.76 -6.03
CA ARG A 205 -21.59 -15.33 -7.27
C ARG A 205 -20.55 -15.12 -8.36
N ASP A 206 -21.02 -15.07 -9.61
CA ASP A 206 -20.11 -14.86 -10.74
C ASP A 206 -19.54 -13.45 -10.72
N GLU A 207 -20.35 -12.45 -10.37
CA GLU A 207 -19.88 -11.08 -10.32
C GLU A 207 -18.74 -10.95 -9.33
N ARG A 208 -17.65 -10.31 -9.75
CA ARG A 208 -16.47 -10.23 -8.91
C ARG A 208 -15.82 -8.84 -8.94
N ARG A 209 -16.59 -7.79 -9.23
CA ARG A 209 -16.02 -6.44 -9.26
C ARG A 209 -15.96 -5.79 -7.88
N LYS A 210 -16.41 -6.48 -6.83
CA LYS A 210 -16.40 -5.93 -5.48
C LYS A 210 -15.50 -6.70 -4.53
N TRP A 211 -15.65 -8.02 -4.44
CA TRP A 211 -14.84 -8.80 -3.50
C TRP A 211 -13.42 -9.05 -4.01
N ILE A 212 -13.14 -8.78 -5.28
CA ILE A 212 -11.78 -8.94 -5.78
C ILE A 212 -10.86 -7.83 -5.28
N GLN A 213 -11.43 -6.70 -4.86
CA GLN A 213 -10.60 -5.58 -4.42
C GLN A 213 -9.81 -5.93 -3.17
N CYS A 214 -10.37 -6.78 -2.31
CA CYS A 214 -9.67 -7.14 -1.07
C CYS A 214 -8.38 -7.90 -1.35
N PHE A 215 -8.32 -8.61 -2.47
CA PHE A 215 -7.16 -9.41 -2.82
C PHE A 215 -6.05 -8.60 -3.49
N ASN A 216 -6.07 -7.28 -3.37
CA ASN A 216 -4.99 -6.47 -3.89
C ASN A 216 -3.79 -6.53 -2.94
N ASP A 217 -2.64 -6.12 -3.46
CA ASP A 217 -1.37 -6.13 -2.73
C ASP A 217 -0.91 -7.54 -2.39
N VAL A 218 -1.53 -8.57 -2.98
CA VAL A 218 -1.15 -9.95 -2.73
C VAL A 218 0.05 -10.30 -3.59
N THR A 219 0.71 -11.42 -3.27
CA THR A 219 1.90 -11.81 -4.01
C THR A 219 1.57 -12.11 -5.47
N ALA A 220 0.61 -13.01 -5.70
CA ALA A 220 0.29 -13.41 -7.07
C ALA A 220 -1.14 -13.94 -7.12
N ILE A 221 -1.65 -14.01 -8.35
CA ILE A 221 -2.99 -14.52 -8.63
C ILE A 221 -2.85 -15.62 -9.67
N ILE A 222 -3.13 -16.86 -9.27
CA ILE A 222 -3.04 -18.01 -10.16
C ILE A 222 -4.35 -18.11 -10.92
N PHE A 223 -4.30 -17.82 -12.22
CA PHE A 223 -5.46 -17.91 -13.09
C PHE A 223 -5.40 -19.22 -13.86
N VAL A 224 -6.37 -20.10 -13.59
CA VAL A 224 -6.43 -21.42 -14.21
C VAL A 224 -7.40 -21.36 -15.37
N VAL A 225 -6.98 -21.83 -16.54
CA VAL A 225 -7.78 -21.81 -17.75
C VAL A 225 -7.71 -23.19 -18.40
N ASP A 226 -8.85 -23.64 -18.94
CA ASP A 226 -8.92 -24.91 -19.64
C ASP A 226 -8.58 -24.65 -21.11
N SER A 227 -7.33 -24.92 -21.48
CA SER A 227 -6.89 -24.69 -22.85
C SER A 227 -7.40 -25.73 -23.83
N SER A 228 -7.97 -26.84 -23.34
CA SER A 228 -8.47 -27.88 -24.24
C SER A 228 -9.83 -27.50 -24.82
N ASP A 229 -10.72 -26.96 -24.00
CA ASP A 229 -12.06 -26.59 -24.44
C ASP A 229 -11.98 -25.29 -25.23
N TYR A 230 -12.02 -25.39 -26.55
CA TYR A 230 -11.93 -24.20 -27.39
C TYR A 230 -13.18 -23.33 -27.23
N ASN A 231 -14.33 -23.93 -26.93
CA ASN A 231 -15.55 -23.15 -26.77
C ASN A 231 -15.42 -22.16 -25.62
N ARG A 232 -15.11 -22.66 -24.42
CA ARG A 232 -14.94 -21.80 -23.26
C ARG A 232 -13.63 -21.02 -23.29
N LEU A 233 -12.81 -21.18 -24.31
CA LEU A 233 -11.53 -20.47 -24.37
C LEU A 233 -11.75 -18.97 -24.52
N GLN A 234 -12.74 -18.57 -25.32
CA GLN A 234 -13.01 -17.15 -25.49
C GLN A 234 -13.47 -16.52 -24.18
N GLU A 235 -14.32 -17.22 -23.43
CA GLU A 235 -14.75 -16.72 -22.13
C GLU A 235 -13.57 -16.58 -21.18
N ALA A 236 -12.65 -17.54 -21.23
CA ALA A 236 -11.45 -17.45 -20.38
C ALA A 236 -10.59 -16.25 -20.77
N LEU A 237 -10.43 -16.01 -22.08
CA LEU A 237 -9.67 -14.85 -22.52
C LEU A 237 -10.34 -13.56 -22.05
N ASN A 238 -11.66 -13.48 -22.16
CA ASN A 238 -12.38 -12.28 -21.72
C ASN A 238 -12.21 -12.07 -20.22
N ASP A 239 -12.32 -13.15 -19.43
CA ASP A 239 -12.16 -13.03 -17.99
C ASP A 239 -10.74 -12.60 -17.63
N PHE A 240 -9.74 -13.15 -18.32
CA PHE A 240 -8.36 -12.76 -18.05
C PHE A 240 -8.13 -11.29 -18.40
N LYS A 241 -8.69 -10.85 -19.52
CA LYS A 241 -8.56 -9.44 -19.90
C LYS A 241 -9.22 -8.53 -18.87
N SER A 242 -10.40 -8.93 -18.38
CA SER A 242 -11.09 -8.13 -17.38
C SER A 242 -10.30 -8.07 -16.08
N ILE A 243 -9.74 -9.19 -15.65
CA ILE A 243 -8.98 -9.22 -14.40
C ILE A 243 -7.69 -8.41 -14.54
N TRP A 244 -7.03 -8.50 -15.70
CA TRP A 244 -5.78 -7.79 -15.89
C TRP A 244 -5.98 -6.29 -15.89
N ASN A 245 -6.98 -5.80 -16.63
CA ASN A 245 -7.26 -4.37 -16.71
C ASN A 245 -7.99 -3.84 -15.48
N ASN A 246 -8.15 -4.65 -14.44
CA ASN A 246 -8.81 -4.19 -13.23
C ASN A 246 -8.06 -3.00 -12.64
N ARG A 247 -8.82 -2.06 -12.05
CA ARG A 247 -8.21 -0.86 -11.50
C ARG A 247 -7.34 -1.18 -10.29
N TRP A 248 -7.89 -1.89 -9.31
CA TRP A 248 -7.18 -2.15 -8.07
C TRP A 248 -6.14 -3.24 -8.19
N LEU A 249 -6.32 -4.20 -9.10
CA LEU A 249 -5.36 -5.26 -9.34
C LEU A 249 -4.39 -4.92 -10.48
N ARG A 250 -4.25 -3.63 -10.80
CA ARG A 250 -3.39 -3.23 -11.91
C ARG A 250 -1.91 -3.41 -11.59
N THR A 251 -1.55 -3.55 -10.32
CA THR A 251 -0.15 -3.67 -9.90
C THR A 251 0.17 -5.05 -9.33
N ILE A 252 -0.63 -6.06 -9.67
CA ILE A 252 -0.44 -7.42 -9.19
C ILE A 252 -0.25 -8.34 -10.38
N SER A 253 0.74 -9.23 -10.28
CA SER A 253 1.02 -10.18 -11.34
C SER A 253 0.02 -11.33 -11.32
N VAL A 254 -0.09 -12.01 -12.45
CA VAL A 254 -1.01 -13.13 -12.62
C VAL A 254 -0.21 -14.32 -13.11
N ILE A 255 -0.24 -15.41 -12.35
CA ILE A 255 0.44 -16.65 -12.71
C ILE A 255 -0.53 -17.47 -13.54
N LEU A 256 -0.31 -17.52 -14.85
CA LEU A 256 -1.20 -18.22 -15.77
C LEU A 256 -0.76 -19.67 -15.91
N PHE A 257 -1.54 -20.59 -15.36
CA PHE A 257 -1.30 -22.02 -15.49
C PHE A 257 -2.31 -22.58 -16.49
N LEU A 258 -1.85 -22.85 -17.71
CA LEU A 258 -2.69 -23.43 -18.75
C LEU A 258 -2.86 -24.92 -18.46
N ASN A 259 -3.70 -25.21 -17.49
CA ASN A 259 -3.91 -26.59 -17.06
C ASN A 259 -4.58 -27.39 -18.18
N LYS A 260 -4.53 -28.72 -18.04
CA LYS A 260 -5.15 -29.64 -18.98
C LYS A 260 -4.49 -29.56 -20.35
N GLN A 261 -3.16 -29.70 -20.37
CA GLN A 261 -2.42 -29.70 -21.63
C GLN A 261 -2.52 -31.04 -22.33
N ASP A 262 -2.64 -32.15 -21.59
CA ASP A 262 -2.78 -33.45 -22.21
C ASP A 262 -4.08 -33.53 -23.01
N LEU A 263 -5.18 -33.02 -22.45
CA LEU A 263 -6.44 -33.02 -23.17
C LEU A 263 -6.35 -32.17 -24.43
N LEU A 264 -5.71 -31.00 -24.34
CA LEU A 264 -5.53 -30.17 -25.52
C LEU A 264 -4.72 -30.89 -26.58
N ALA A 265 -3.64 -31.56 -26.18
CA ALA A 265 -2.83 -32.29 -27.14
C ALA A 265 -3.63 -33.40 -27.81
N GLU A 266 -4.36 -34.19 -27.02
CA GLU A 266 -5.18 -35.25 -27.59
C GLU A 266 -6.22 -34.69 -28.56
N LYS A 267 -6.84 -33.56 -28.20
CA LYS A 267 -7.86 -32.97 -29.06
C LYS A 267 -7.26 -32.48 -30.37
N VAL A 268 -6.17 -31.72 -30.30
CA VAL A 268 -5.57 -31.20 -31.52
C VAL A 268 -4.96 -32.31 -32.37
N LEU A 269 -4.58 -33.43 -31.78
CA LEU A 269 -4.10 -34.56 -32.56
C LEU A 269 -5.25 -35.31 -33.23
N ALA A 270 -6.37 -35.46 -32.53
CA ALA A 270 -7.53 -36.13 -33.12
C ALA A 270 -8.02 -35.39 -34.36
N GLY A 271 -7.85 -34.07 -34.39
CA GLY A 271 -8.27 -33.29 -35.54
C GLY A 271 -9.76 -33.09 -35.66
N LYS A 272 -10.55 -33.53 -34.68
CA LYS A 272 -11.99 -33.36 -34.75
C LYS A 272 -12.40 -31.92 -34.51
N SER A 273 -11.72 -31.23 -33.60
CA SER A 273 -12.00 -29.85 -33.27
C SER A 273 -10.80 -29.00 -33.65
N LYS A 274 -10.99 -28.11 -34.62
CA LYS A 274 -9.94 -27.23 -35.10
C LYS A 274 -10.09 -25.85 -34.47
N ILE A 275 -8.97 -25.27 -34.05
CA ILE A 275 -8.99 -23.94 -33.44
C ILE A 275 -9.38 -22.87 -34.46
N GLU A 276 -9.21 -23.14 -35.75
CA GLU A 276 -9.55 -22.14 -36.76
C GLU A 276 -11.03 -21.80 -36.74
N ASP A 277 -11.88 -22.78 -36.40
CA ASP A 277 -13.32 -22.53 -36.37
C ASP A 277 -13.68 -21.47 -35.33
N TYR A 278 -12.94 -21.41 -34.23
CA TYR A 278 -13.21 -20.45 -33.16
C TYR A 278 -12.29 -19.24 -33.20
N PHE A 279 -11.07 -19.40 -33.72
CA PHE A 279 -10.10 -18.31 -33.80
C PHE A 279 -9.49 -18.29 -35.20
N PRO A 280 -9.91 -17.38 -36.07
CA PRO A 280 -9.36 -17.36 -37.43
C PRO A 280 -7.89 -16.99 -37.49
N GLU A 281 -7.38 -16.26 -36.49
CA GLU A 281 -5.97 -15.89 -36.49
C GLU A 281 -5.05 -17.12 -36.41
N PHE A 282 -5.56 -18.24 -35.92
CA PHE A 282 -4.74 -19.44 -35.81
C PHE A 282 -4.30 -19.94 -37.19
N ALA A 283 -5.14 -19.76 -38.20
CA ALA A 283 -4.80 -20.22 -39.55
C ALA A 283 -3.61 -19.45 -40.11
N ARG A 284 -3.46 -18.17 -39.75
CA ARG A 284 -2.38 -17.34 -40.25
C ARG A 284 -1.29 -17.11 -39.20
N TYR A 285 -1.25 -17.93 -38.16
CA TYR A 285 -0.28 -17.82 -37.09
C TYR A 285 0.78 -18.90 -37.25
N THR A 286 2.05 -18.49 -37.34
CA THR A 286 3.16 -19.41 -37.47
C THR A 286 3.81 -19.64 -36.11
N THR A 287 4.41 -20.82 -35.94
CA THR A 287 5.05 -21.15 -34.69
C THR A 287 6.20 -20.17 -34.42
N PRO A 288 6.36 -19.67 -33.20
CA PRO A 288 7.48 -18.77 -32.92
C PRO A 288 8.82 -19.41 -33.24
N GLU A 289 9.71 -18.61 -33.83
CA GLU A 289 11.03 -19.12 -34.17
C GLU A 289 11.88 -19.34 -32.93
N ASP A 290 11.72 -18.50 -31.92
CA ASP A 290 12.46 -18.63 -30.67
C ASP A 290 11.84 -19.63 -29.72
N ALA A 291 10.83 -20.38 -30.14
CA ALA A 291 10.19 -21.35 -29.28
C ALA A 291 11.16 -22.46 -28.89
N THR A 292 10.75 -23.27 -27.92
CA THR A 292 11.54 -24.39 -27.42
C THR A 292 10.64 -25.62 -27.30
N PRO A 293 10.30 -26.24 -28.42
CA PRO A 293 9.44 -27.44 -28.36
C PRO A 293 10.07 -28.54 -27.51
N GLU A 294 9.27 -29.10 -26.61
CA GLU A 294 9.75 -30.19 -25.77
C GLU A 294 9.94 -31.45 -26.59
N PRO A 295 10.83 -32.36 -26.17
CA PRO A 295 11.05 -33.58 -26.94
C PRO A 295 9.81 -34.46 -26.94
N GLY A 296 9.46 -34.95 -28.14
CA GLY A 296 8.31 -35.81 -28.29
C GLY A 296 7.00 -35.10 -28.51
N GLU A 297 7.01 -33.79 -28.76
CA GLU A 297 5.79 -33.03 -28.98
C GLU A 297 5.51 -32.91 -30.48
N ASP A 298 4.30 -33.27 -30.88
CA ASP A 298 3.93 -33.15 -32.28
C ASP A 298 3.92 -31.68 -32.68
N PRO A 299 4.33 -31.35 -33.92
CA PRO A 299 4.33 -29.95 -34.34
C PRO A 299 2.98 -29.25 -34.13
N ARG A 300 1.88 -29.93 -34.44
CA ARG A 300 0.56 -29.31 -34.27
C ARG A 300 0.29 -29.00 -32.81
N VAL A 301 0.61 -29.93 -31.90
CA VAL A 301 0.38 -29.70 -30.48
C VAL A 301 1.20 -28.51 -29.99
N THR A 302 2.48 -28.47 -30.38
CA THR A 302 3.34 -27.37 -29.96
C THR A 302 2.81 -26.04 -30.49
N ARG A 303 2.45 -25.99 -31.77
CA ARG A 303 1.94 -24.75 -32.34
C ARG A 303 0.67 -24.30 -31.65
N ALA A 304 -0.24 -25.24 -31.36
CA ALA A 304 -1.49 -24.89 -30.71
C ALA A 304 -1.26 -24.34 -29.32
N LYS A 305 -0.42 -25.01 -28.53
CA LYS A 305 -0.16 -24.55 -27.17
C LYS A 305 0.54 -23.20 -27.18
N TYR A 306 1.48 -22.99 -28.11
CA TYR A 306 2.18 -21.71 -28.18
C TYR A 306 1.24 -20.59 -28.61
N PHE A 307 0.29 -20.89 -29.51
CA PHE A 307 -0.68 -19.88 -29.91
C PHE A 307 -1.60 -19.53 -28.74
N ILE A 308 -2.09 -20.53 -28.01
CA ILE A 308 -2.95 -20.26 -26.87
C ILE A 308 -2.20 -19.48 -25.81
N ARG A 309 -0.90 -19.74 -25.64
CA ARG A 309 -0.10 -18.98 -24.68
C ARG A 309 0.11 -17.54 -25.15
N LYS A 310 0.44 -17.35 -26.42
CA LYS A 310 0.66 -16.02 -26.96
C LYS A 310 -0.62 -15.19 -26.87
N GLU A 311 -1.79 -15.83 -26.98
CA GLU A 311 -3.04 -15.10 -26.81
C GLU A 311 -3.07 -14.38 -25.47
N PHE A 312 -2.90 -15.12 -24.37
CA PHE A 312 -2.91 -14.50 -23.05
C PHE A 312 -1.74 -13.55 -22.87
N VAL A 313 -0.58 -13.88 -23.44
CA VAL A 313 0.58 -13.01 -23.29
C VAL A 313 0.30 -11.64 -23.91
N ASP A 314 -0.35 -11.62 -25.08
CA ASP A 314 -0.68 -10.36 -25.72
C ASP A 314 -1.80 -9.65 -24.98
N ILE A 315 -2.79 -10.40 -24.48
CA ILE A 315 -3.87 -9.79 -23.70
C ILE A 315 -3.30 -9.09 -22.47
N SER A 316 -2.25 -9.67 -21.88
CA SER A 316 -1.64 -9.07 -20.70
C SER A 316 -0.72 -7.91 -21.07
N THR A 317 0.02 -8.05 -22.17
CA THR A 317 0.94 -6.98 -22.57
C THR A 317 0.19 -5.68 -22.84
N ALA A 318 -1.01 -5.78 -23.41
CA ALA A 318 -1.81 -4.58 -23.68
C ALA A 318 -2.17 -3.89 -22.39
N SER A 319 -2.01 -2.56 -22.37
CA SER A 319 -2.29 -1.71 -21.22
C SER A 319 -1.35 -1.97 -20.05
N GLY A 320 -0.25 -2.70 -20.28
CA GLY A 320 0.70 -2.98 -19.21
C GLY A 320 1.98 -2.19 -19.35
N ASP A 321 2.24 -1.29 -18.39
CA ASP A 321 3.43 -0.45 -18.43
C ASP A 321 4.65 -1.13 -17.81
N GLY A 322 4.50 -2.32 -17.25
CA GLY A 322 5.58 -3.04 -16.59
C GLY A 322 5.41 -3.22 -15.10
N ARG A 323 4.51 -2.46 -14.48
CA ARG A 323 4.27 -2.62 -13.05
C ARG A 323 3.91 -4.04 -12.68
N HIS A 324 3.32 -4.79 -13.61
CA HIS A 324 2.99 -6.19 -13.37
C HIS A 324 3.08 -6.95 -14.68
N ILE A 325 3.45 -8.23 -14.60
CA ILE A 325 3.61 -9.09 -15.76
C ILE A 325 2.89 -10.40 -15.51
N CYS A 326 2.70 -11.16 -16.58
CA CYS A 326 2.07 -12.46 -16.53
C CYS A 326 3.12 -13.56 -16.63
N TYR A 327 2.90 -14.65 -15.89
CA TYR A 327 3.82 -15.79 -15.89
C TYR A 327 3.11 -17.01 -16.47
N PRO A 328 3.19 -17.24 -17.78
CA PRO A 328 2.53 -18.41 -18.36
C PRO A 328 3.36 -19.67 -18.20
N HIS A 329 2.68 -20.77 -17.89
CA HIS A 329 3.34 -22.06 -17.72
C HIS A 329 2.38 -23.16 -18.15
N PHE A 330 2.96 -24.28 -18.57
CA PHE A 330 2.19 -25.44 -19.03
C PHE A 330 2.13 -26.47 -17.91
N THR A 331 0.91 -26.81 -17.50
CA THR A 331 0.69 -27.79 -16.44
C THR A 331 -0.34 -28.81 -16.90
N CYS A 332 -0.52 -29.86 -16.11
CA CYS A 332 -1.45 -30.93 -16.41
C CYS A 332 -2.15 -31.35 -15.13
N SER A 333 -3.09 -32.29 -15.26
CA SER A 333 -3.84 -32.80 -14.12
C SER A 333 -3.04 -33.83 -13.32
N VAL A 334 -1.86 -34.23 -13.79
CA VAL A 334 -1.02 -35.19 -13.08
C VAL A 334 0.38 -34.62 -12.94
N ASP A 335 0.55 -33.35 -13.28
CA ASP A 335 1.86 -32.71 -13.21
C ASP A 335 2.28 -32.54 -11.76
N THR A 336 3.40 -33.17 -11.38
CA THR A 336 3.88 -33.06 -10.01
C THR A 336 4.67 -31.77 -9.79
N GLU A 337 5.46 -31.35 -10.78
CA GLU A 337 6.27 -30.14 -10.68
C GLU A 337 5.38 -28.92 -10.92
N ASN A 338 4.47 -28.70 -9.97
CA ASN A 338 3.54 -27.58 -10.00
C ASN A 338 3.82 -26.53 -8.93
N ALA A 339 4.09 -26.96 -7.70
CA ALA A 339 4.37 -26.01 -6.62
C ALA A 339 5.67 -25.26 -6.87
N ARG A 340 6.64 -25.89 -7.53
CA ARG A 340 7.90 -25.21 -7.82
C ARG A 340 7.68 -24.03 -8.76
N ARG A 341 6.75 -24.16 -9.70
CA ARG A 341 6.43 -23.04 -10.59
C ARG A 341 5.93 -21.85 -9.79
N ILE A 342 4.99 -22.08 -8.88
CA ILE A 342 4.48 -21.01 -8.04
C ILE A 342 5.59 -20.42 -7.18
N PHE A 343 6.46 -21.27 -6.65
CA PHE A 343 7.56 -20.78 -5.82
C PHE A 343 8.46 -19.85 -6.62
N ASN A 344 8.85 -20.26 -7.82
CA ASN A 344 9.72 -19.42 -8.65
C ASN A 344 9.02 -18.13 -9.04
N ASP A 345 7.74 -18.21 -9.41
CA ASP A 345 7.00 -17.00 -9.78
C ASP A 345 6.93 -16.02 -8.61
N CYS A 346 6.61 -16.52 -7.42
CA CYS A 346 6.51 -15.65 -6.25
C CYS A 346 7.87 -15.07 -5.89
N LYS A 347 8.94 -15.87 -5.99
CA LYS A 347 10.27 -15.34 -5.70
C LYS A 347 10.63 -14.23 -6.68
N ASP A 348 10.36 -14.42 -7.96
CA ASP A 348 10.65 -13.37 -8.94
C ASP A 348 9.83 -12.13 -8.66
N ILE A 349 8.55 -12.30 -8.34
CA ILE A 349 7.69 -11.15 -8.08
C ILE A 349 8.18 -10.37 -6.86
N ILE A 350 8.56 -11.09 -5.80
CA ILE A 350 9.03 -10.42 -4.59
C ILE A 350 10.37 -9.73 -4.85
N LEU A 351 11.24 -10.35 -5.63
CA LEU A 351 12.51 -9.71 -5.98
C LEU A 351 12.28 -8.43 -6.77
N GLN A 352 11.35 -8.47 -7.73
CA GLN A 352 11.06 -7.27 -8.51
C GLN A 352 10.44 -6.18 -7.64
N MET A 353 9.54 -6.55 -6.73
CA MET A 353 8.95 -5.57 -5.84
C MET A 353 9.99 -4.97 -4.91
N ASN A 354 10.96 -5.77 -4.46
CA ASN A 354 12.04 -5.24 -3.63
C ASN A 354 12.91 -4.28 -4.43
N LEU A 355 13.30 -4.65 -5.65
CA LEU A 355 14.05 -3.74 -6.50
C LEU A 355 13.30 -2.43 -6.69
N ARG A 356 11.97 -2.50 -6.81
CA ARG A 356 11.18 -1.28 -6.92
C ARG A 356 11.23 -0.47 -5.64
N GLU A 357 11.11 -1.13 -4.49
CA GLU A 357 11.08 -0.42 -3.22
C GLU A 357 12.43 0.21 -2.91
N TYR A 358 13.51 -0.53 -3.10
CA TYR A 358 14.86 -0.02 -2.86
C TYR A 358 15.32 0.97 -3.93
N ASN A 359 14.46 1.34 -4.87
CA ASN A 359 14.79 2.30 -5.92
C ASN A 359 15.91 1.81 -6.82
N LEU A 360 16.09 0.50 -6.92
CA LEU A 360 17.13 -0.05 -7.77
C LEU A 360 16.69 -0.18 -9.23
N VAL A 361 15.38 -0.20 -9.49
CA VAL A 361 14.88 -0.31 -10.86
C VAL A 361 13.62 0.53 -11.00
N GLU B 8 -49.39 -13.75 -20.89
CA GLU B 8 -49.35 -13.37 -19.45
C GLU B 8 -48.09 -12.57 -19.14
N LEU B 9 -46.94 -13.08 -19.58
CA LEU B 9 -45.68 -12.38 -19.34
C LEU B 9 -45.72 -10.96 -19.89
N ASP B 10 -46.32 -10.78 -21.07
CA ASP B 10 -46.42 -9.44 -21.65
C ASP B 10 -47.30 -8.55 -20.78
N GLN B 11 -48.39 -9.10 -20.25
CA GLN B 11 -49.26 -8.32 -19.37
C GLN B 11 -48.51 -7.87 -18.12
N LEU B 12 -47.73 -8.77 -17.52
CA LEU B 12 -46.97 -8.40 -16.33
C LEU B 12 -45.89 -7.37 -16.65
N ARG B 13 -45.25 -7.50 -17.81
CA ARG B 13 -44.25 -6.52 -18.22
C ARG B 13 -44.89 -5.14 -18.38
N GLN B 14 -46.05 -5.10 -19.05
CA GLN B 14 -46.75 -3.82 -19.24
C GLN B 14 -47.17 -3.23 -17.90
N GLU B 15 -47.67 -4.06 -16.99
CA GLU B 15 -48.07 -3.57 -15.68
C GLU B 15 -46.87 -3.02 -14.92
N ALA B 16 -45.72 -3.69 -15.00
CA ALA B 16 -44.52 -3.20 -14.31
C ALA B 16 -44.07 -1.87 -14.91
N GLU B 17 -44.10 -1.75 -16.24
CA GLU B 17 -43.72 -0.48 -16.86
C GLU B 17 -44.67 0.64 -16.46
N GLN B 18 -45.98 0.35 -16.43
CA GLN B 18 -46.94 1.37 -16.04
C GLN B 18 -46.75 1.78 -14.59
N LEU B 19 -46.45 0.82 -13.71
CA LEU B 19 -46.21 1.16 -12.31
C LEU B 19 -44.94 1.98 -12.15
N LYS B 20 -43.90 1.66 -12.92
CA LYS B 20 -42.68 2.46 -12.88
C LYS B 20 -42.95 3.88 -13.33
N ASN B 21 -43.70 4.04 -14.42
CA ASN B 21 -44.03 5.39 -14.90
C ASN B 21 -44.86 6.15 -13.88
N GLN B 22 -45.83 5.47 -13.24
CA GLN B 22 -46.65 6.13 -12.24
C GLN B 22 -45.82 6.57 -11.04
N ILE B 23 -44.88 5.72 -10.60
CA ILE B 23 -44.01 6.09 -9.49
C ILE B 23 -43.15 7.27 -9.86
N ARG B 24 -42.60 7.27 -11.08
CA ARG B 24 -41.77 8.39 -11.52
C ARG B 24 -42.58 9.68 -11.55
N ASP B 25 -43.80 9.63 -12.07
CA ASP B 25 -44.64 10.82 -12.12
C ASP B 25 -44.99 11.32 -10.73
N ALA B 26 -45.37 10.41 -9.83
CA ALA B 26 -45.70 10.82 -8.47
C ALA B 26 -44.50 11.38 -7.74
N ARG B 27 -43.29 10.90 -8.05
CA ARG B 27 -42.09 11.42 -7.41
C ARG B 27 -41.71 12.79 -7.98
N LYS B 28 -41.90 12.99 -9.28
CA LYS B 28 -41.59 14.29 -9.88
C LYS B 28 -42.62 15.34 -9.49
N ALA B 29 -43.87 14.93 -9.25
CA ALA B 29 -44.90 15.90 -8.89
C ALA B 29 -44.58 16.57 -7.56
N CYS B 30 -44.16 15.77 -6.56
CA CYS B 30 -43.85 16.31 -5.25
C CYS B 30 -42.58 17.15 -5.24
N ALA B 31 -41.81 17.15 -6.32
CA ALA B 31 -40.57 17.92 -6.40
C ALA B 31 -40.87 19.39 -6.74
N ASP B 32 -41.61 20.02 -5.83
CA ASP B 32 -41.96 21.43 -6.03
C ASP B 32 -40.73 22.32 -5.94
N ALA B 33 -39.82 22.01 -5.03
CA ALA B 33 -38.58 22.76 -4.87
C ALA B 33 -37.49 21.85 -4.37
N THR B 34 -36.25 22.17 -4.73
CA THR B 34 -35.10 21.38 -4.33
C THR B 34 -34.53 21.92 -3.01
N LEU B 35 -33.75 21.06 -2.35
CA LEU B 35 -33.14 21.44 -1.08
C LEU B 35 -32.21 22.64 -1.26
N SER B 36 -31.56 22.75 -2.42
CA SER B 36 -30.63 23.86 -2.64
C SER B 36 -31.34 25.20 -2.59
N GLN B 37 -32.47 25.32 -3.30
CA GLN B 37 -33.19 26.59 -3.34
C GLN B 37 -33.58 27.05 -1.94
N ILE B 38 -33.93 26.11 -1.06
CA ILE B 38 -34.35 26.49 0.28
C ILE B 38 -33.14 26.72 1.19
N THR B 39 -32.01 26.09 0.90
CA THR B 39 -30.81 26.22 1.72
C THR B 39 -29.87 27.31 1.22
N ASN B 40 -30.33 28.16 0.30
CA ASN B 40 -29.50 29.27 -0.18
C ASN B 40 -29.56 30.48 0.75
N ASN B 41 -30.57 30.56 1.61
CA ASN B 41 -30.71 31.71 2.51
C ASN B 41 -29.99 31.52 3.84
N ILE B 42 -29.62 30.28 4.18
CA ILE B 42 -28.94 30.02 5.44
C ILE B 42 -27.48 30.45 5.33
N ASP B 43 -26.88 30.79 6.48
CA ASP B 43 -25.50 31.20 6.49
C ASP B 43 -24.59 30.04 6.08
N PRO B 44 -23.42 30.34 5.53
CA PRO B 44 -22.51 29.26 5.11
C PRO B 44 -21.84 28.59 6.30
N VAL B 45 -21.55 27.30 6.14
CA VAL B 45 -20.90 26.55 7.22
C VAL B 45 -19.46 27.00 7.39
N GLY B 46 -18.81 27.42 6.30
CA GLY B 46 -17.42 27.81 6.37
C GLY B 46 -16.48 26.63 6.23
N ARG B 47 -15.19 26.94 6.26
CA ARG B 47 -14.17 25.91 6.13
C ARG B 47 -13.99 25.18 7.44
N ILE B 48 -13.99 23.84 7.38
CA ILE B 48 -13.82 23.01 8.56
C ILE B 48 -12.44 22.35 8.49
N GLN B 49 -11.45 22.97 9.13
CA GLN B 49 -10.07 22.46 9.14
C GLN B 49 -9.93 21.53 10.33
N MET B 50 -9.98 20.23 10.06
CA MET B 50 -9.84 19.21 11.09
C MET B 50 -8.36 18.85 11.27
N ARG B 51 -8.04 18.34 12.47
CA ARG B 51 -6.68 17.97 12.81
C ARG B 51 -6.67 16.59 13.44
N THR B 52 -5.63 15.83 13.15
CA THR B 52 -5.48 14.48 13.70
C THR B 52 -4.98 14.57 15.13
N ARG B 53 -5.76 14.02 16.06
CA ARG B 53 -5.38 14.04 17.48
C ARG B 53 -4.66 12.76 17.89
N ARG B 54 -5.13 11.61 17.41
CA ARG B 54 -4.52 10.33 17.74
C ARG B 54 -4.21 9.57 16.46
N THR B 55 -3.22 8.68 16.54
CA THR B 55 -2.82 7.84 15.40
C THR B 55 -2.54 6.45 15.91
N LEU B 56 -3.18 5.45 15.28
CA LEU B 56 -3.05 4.06 15.68
C LEU B 56 -1.99 3.39 14.82
N ARG B 57 -1.07 2.66 15.47
CA ARG B 57 0.03 2.00 14.80
C ARG B 57 0.08 0.50 15.10
N GLY B 58 -1.04 -0.08 15.50
CA GLY B 58 -1.06 -1.49 15.87
C GLY B 58 -1.49 -2.41 14.74
N HIS B 59 -2.41 -1.95 13.90
CA HIS B 59 -2.90 -2.77 12.81
C HIS B 59 -1.77 -3.15 11.86
N LEU B 60 -1.87 -4.35 11.31
CA LEU B 60 -0.84 -4.90 10.42
C LEU B 60 -1.24 -4.80 8.96
N ALA B 61 -2.40 -5.35 8.60
CA ALA B 61 -2.86 -5.38 7.22
C ALA B 61 -3.82 -4.21 6.98
N LYS B 62 -4.46 -4.20 5.82
CA LYS B 62 -5.36 -3.12 5.45
C LYS B 62 -6.56 -3.07 6.40
N ILE B 63 -6.71 -1.94 7.08
CA ILE B 63 -7.88 -1.74 7.94
C ILE B 63 -9.10 -1.50 7.05
N TYR B 64 -10.08 -2.40 7.14
CA TYR B 64 -11.24 -2.36 6.25
C TYR B 64 -12.52 -1.92 6.93
N ALA B 65 -12.76 -2.31 8.18
CA ALA B 65 -14.02 -2.05 8.84
C ALA B 65 -13.78 -1.54 10.25
N MET B 66 -14.64 -0.60 10.68
CA MET B 66 -14.60 -0.08 12.03
C MET B 66 -16.00 0.33 12.43
N HIS B 67 -16.21 0.46 13.74
CA HIS B 67 -17.51 0.87 14.25
C HIS B 67 -17.35 1.33 15.70
N TRP B 68 -18.22 2.25 16.11
CA TRP B 68 -18.21 2.80 17.45
C TRP B 68 -19.34 2.19 18.28
N GLY B 69 -19.05 1.95 19.55
CA GLY B 69 -20.03 1.44 20.49
C GLY B 69 -20.82 2.56 21.15
N THR B 70 -21.58 2.17 22.17
CA THR B 70 -22.37 3.16 22.92
C THR B 70 -21.46 4.23 23.51
N ASP B 71 -20.25 3.86 23.93
CA ASP B 71 -19.28 4.79 24.46
C ASP B 71 -18.26 5.16 23.39
N SER B 72 -17.87 6.42 23.35
CA SER B 72 -16.90 6.91 22.39
C SER B 72 -15.46 6.59 22.76
N ARG B 73 -15.24 5.81 23.81
CA ARG B 73 -13.89 5.46 24.23
C ARG B 73 -13.38 4.22 23.49
N LEU B 74 -14.17 3.16 23.44
CA LEU B 74 -13.78 1.94 22.75
C LEU B 74 -14.07 2.05 21.26
N LEU B 75 -13.21 1.42 20.46
CA LEU B 75 -13.34 1.47 19.00
C LEU B 75 -12.88 0.13 18.44
N VAL B 76 -13.79 -0.62 17.84
CA VAL B 76 -13.44 -1.88 17.20
C VAL B 76 -13.00 -1.61 15.76
N SER B 77 -11.90 -2.23 15.35
CA SER B 77 -11.35 -2.04 14.03
C SER B 77 -10.89 -3.38 13.47
N ALA B 78 -11.27 -3.66 12.22
CA ALA B 78 -10.96 -4.93 11.58
C ALA B 78 -9.90 -4.75 10.50
N SER B 79 -8.91 -5.65 10.49
CA SER B 79 -7.85 -5.63 9.50
C SER B 79 -7.92 -6.89 8.63
N GLN B 80 -7.36 -6.79 7.44
CA GLN B 80 -7.39 -7.89 6.48
C GLN B 80 -6.48 -9.05 6.87
N ASP B 81 -5.78 -8.96 8.00
CA ASP B 81 -4.96 -10.06 8.49
C ASP B 81 -5.74 -10.97 9.44
N GLY B 82 -7.04 -10.77 9.57
CA GLY B 82 -7.83 -11.55 10.51
C GLY B 82 -7.68 -11.08 11.94
N LYS B 83 -7.70 -9.78 12.17
CA LYS B 83 -7.50 -9.22 13.51
C LYS B 83 -8.53 -8.13 13.77
N LEU B 84 -9.25 -8.27 14.89
CA LEU B 84 -10.14 -7.24 15.40
C LEU B 84 -9.51 -6.64 16.65
N ILE B 85 -9.17 -5.35 16.58
CA ILE B 85 -8.49 -4.65 17.66
C ILE B 85 -9.48 -3.70 18.31
N ILE B 86 -9.50 -3.68 19.64
CA ILE B 86 -10.37 -2.78 20.40
C ILE B 86 -9.47 -1.68 20.97
N TRP B 87 -9.38 -0.58 20.24
CA TRP B 87 -8.57 0.55 20.67
C TRP B 87 -9.34 1.43 21.64
N ASP B 88 -8.58 2.21 22.41
CA ASP B 88 -9.13 3.20 23.34
C ASP B 88 -8.83 4.58 22.75
N SER B 89 -9.87 5.22 22.21
CA SER B 89 -9.69 6.50 21.54
C SER B 89 -9.08 7.55 22.47
N TYR B 90 -9.27 7.43 23.78
CA TYR B 90 -8.74 8.42 24.70
C TYR B 90 -7.26 8.20 24.96
N THR B 91 -6.89 6.99 25.39
CA THR B 91 -5.50 6.68 25.74
C THR B 91 -4.74 5.97 24.62
N THR B 92 -5.42 5.61 23.53
CA THR B 92 -4.82 4.92 22.38
C THR B 92 -4.40 3.50 22.71
N ASN B 93 -4.70 3.02 23.92
CA ASN B 93 -4.30 1.68 24.32
C ASN B 93 -5.18 0.63 23.67
N LYS B 94 -4.69 -0.60 23.65
CA LYS B 94 -5.41 -1.74 23.08
C LYS B 94 -6.11 -2.49 24.21
N VAL B 95 -7.39 -2.78 24.01
CA VAL B 95 -8.20 -3.45 25.02
C VAL B 95 -8.32 -4.94 24.75
N HIS B 96 -8.57 -5.32 23.49
CA HIS B 96 -8.69 -6.72 23.13
C HIS B 96 -8.21 -6.92 21.71
N ALA B 97 -7.67 -8.11 21.43
CA ALA B 97 -7.20 -8.51 20.11
C ALA B 97 -7.81 -9.86 19.79
N ILE B 98 -8.70 -9.90 18.81
CA ILE B 98 -9.41 -11.12 18.42
C ILE B 98 -8.81 -11.61 17.11
N PRO B 99 -8.10 -12.74 17.10
CA PRO B 99 -7.66 -13.33 15.82
C PRO B 99 -8.83 -14.04 15.14
N LEU B 100 -9.16 -13.58 13.93
CA LEU B 100 -10.27 -14.15 13.19
C LEU B 100 -9.84 -15.40 12.43
N ARG B 101 -10.73 -16.40 12.40
CA ARG B 101 -10.44 -17.62 11.64
C ARG B 101 -10.39 -17.34 10.15
N SER B 102 -11.07 -16.29 9.69
CA SER B 102 -11.06 -15.88 8.29
C SER B 102 -10.27 -14.58 8.20
N SER B 103 -9.21 -14.59 7.39
CA SER B 103 -8.36 -13.41 7.26
C SER B 103 -9.02 -12.30 6.44
N TRP B 104 -9.91 -12.65 5.52
CA TRP B 104 -10.55 -11.67 4.65
C TRP B 104 -11.83 -11.15 5.29
N VAL B 105 -11.65 -10.36 6.34
CA VAL B 105 -12.75 -9.73 7.04
C VAL B 105 -13.03 -8.38 6.40
N MET B 106 -14.31 -8.10 6.16
CA MET B 106 -14.73 -6.86 5.52
C MET B 106 -15.74 -6.06 6.31
N THR B 107 -16.21 -6.57 7.44
CA THR B 107 -17.21 -5.87 8.24
C THR B 107 -16.99 -6.18 9.72
N CYS B 108 -17.37 -5.23 10.56
CA CYS B 108 -17.30 -5.41 12.00
C CYS B 108 -18.23 -4.41 12.65
N ALA B 109 -18.84 -4.82 13.78
CA ALA B 109 -19.79 -3.99 14.49
C ALA B 109 -19.60 -4.18 15.98
N TYR B 110 -19.93 -3.14 16.74
CA TYR B 110 -19.83 -3.15 18.20
C TYR B 110 -21.25 -3.08 18.77
N ALA B 111 -21.63 -4.09 19.53
CA ALA B 111 -22.99 -4.16 20.05
C ALA B 111 -23.31 -2.92 20.86
N PRO B 112 -24.58 -2.52 20.93
CA PRO B 112 -24.93 -1.33 21.72
C PRO B 112 -24.66 -1.48 23.20
N SER B 113 -24.60 -2.71 23.71
CA SER B 113 -24.30 -2.95 25.11
C SER B 113 -22.81 -3.01 25.40
N GLY B 114 -21.96 -3.00 24.37
CA GLY B 114 -20.53 -3.05 24.55
C GLY B 114 -19.98 -4.40 24.96
N ASN B 115 -20.79 -5.46 24.91
CA ASN B 115 -20.36 -6.78 25.33
C ASN B 115 -20.02 -7.71 24.17
N TYR B 116 -20.73 -7.59 23.05
CA TYR B 116 -20.54 -8.46 21.90
C TYR B 116 -20.05 -7.67 20.70
N VAL B 117 -19.34 -8.35 19.80
CA VAL B 117 -18.83 -7.76 18.57
C VAL B 117 -18.91 -8.82 17.47
N ALA B 118 -19.44 -8.42 16.32
CA ALA B 118 -19.59 -9.31 15.18
C ALA B 118 -18.66 -8.89 14.04
N CYS B 119 -18.63 -9.71 13.00
CA CYS B 119 -17.81 -9.44 11.83
C CYS B 119 -18.27 -10.37 10.71
N GLY B 120 -17.58 -10.32 9.58
CA GLY B 120 -17.91 -11.16 8.45
C GLY B 120 -17.00 -10.87 7.28
N GLY B 121 -17.20 -11.62 6.21
CA GLY B 121 -16.40 -11.45 5.01
C GLY B 121 -16.64 -12.49 3.95
N LEU B 122 -15.57 -12.89 3.26
CA LEU B 122 -15.71 -13.87 2.17
C LEU B 122 -16.09 -15.25 2.67
N ASP B 123 -15.96 -15.50 3.98
CA ASP B 123 -16.30 -16.81 4.53
C ASP B 123 -17.80 -17.07 4.56
N ASN B 124 -18.62 -16.04 4.40
CA ASN B 124 -20.08 -16.12 4.44
C ASN B 124 -20.60 -16.52 5.81
N ILE B 125 -19.76 -16.50 6.84
CA ILE B 125 -20.15 -16.85 8.20
C ILE B 125 -19.92 -15.64 9.09
N CYS B 126 -20.93 -15.28 9.88
CA CYS B 126 -20.84 -14.17 10.82
C CYS B 126 -20.49 -14.72 12.19
N SER B 127 -19.37 -14.25 12.75
CA SER B 127 -18.86 -14.70 14.04
C SER B 127 -19.13 -13.62 15.07
N ILE B 128 -20.09 -13.87 15.96
CA ILE B 128 -20.41 -12.98 17.06
C ILE B 128 -19.55 -13.38 18.26
N TYR B 129 -18.66 -12.49 18.67
CA TYR B 129 -17.75 -12.73 19.78
C TYR B 129 -18.28 -12.08 21.05
N ASN B 130 -17.81 -12.57 22.20
CA ASN B 130 -18.17 -12.02 23.50
C ASN B 130 -16.91 -11.44 24.15
N LEU B 131 -16.99 -10.18 24.57
CA LEU B 131 -15.85 -9.51 25.19
C LEU B 131 -15.88 -9.58 26.71
N LYS B 132 -17.06 -9.73 27.31
CA LYS B 132 -17.19 -9.79 28.77
C LYS B 132 -17.16 -11.22 29.30
N THR B 133 -16.48 -12.13 28.61
CA THR B 133 -16.41 -13.51 29.06
C THR B 133 -15.69 -13.58 30.41
N ARG B 134 -16.22 -14.44 31.29
CA ARG B 134 -15.62 -14.60 32.61
C ARG B 134 -14.23 -15.21 32.53
N GLU B 135 -13.86 -15.81 31.40
CA GLU B 135 -12.54 -16.41 31.25
C GLU B 135 -11.45 -15.37 31.03
N GLY B 136 -11.81 -14.14 30.69
CA GLY B 136 -10.86 -13.07 30.44
C GLY B 136 -10.49 -12.93 28.97
N ASN B 137 -10.28 -14.05 28.28
CA ASN B 137 -9.98 -14.03 26.87
C ASN B 137 -11.25 -14.04 26.04
N VAL B 138 -11.13 -13.64 24.78
CA VAL B 138 -12.27 -13.60 23.88
C VAL B 138 -12.53 -15.00 23.33
N ARG B 139 -13.82 -15.32 23.19
CA ARG B 139 -14.23 -16.64 22.70
C ARG B 139 -15.34 -16.45 21.67
N VAL B 140 -15.42 -17.40 20.74
CA VAL B 140 -16.45 -17.36 19.70
C VAL B 140 -17.79 -17.70 20.35
N SER B 141 -18.62 -16.68 20.59
CA SER B 141 -19.91 -16.91 21.20
C SER B 141 -20.87 -17.60 20.23
N ARG B 142 -20.90 -17.15 18.98
CA ARG B 142 -21.76 -17.76 17.97
C ARG B 142 -21.09 -17.64 16.61
N GLU B 143 -21.38 -18.60 15.73
CA GLU B 143 -20.88 -18.60 14.36
C GLU B 143 -22.04 -19.02 13.45
N LEU B 144 -22.77 -18.04 12.94
CA LEU B 144 -23.95 -18.30 12.15
C LEU B 144 -23.61 -18.28 10.66
N ALA B 145 -24.29 -19.14 9.90
CA ALA B 145 -24.07 -19.25 8.46
C ALA B 145 -25.42 -19.43 7.78
N GLY B 146 -25.39 -19.39 6.45
CA GLY B 146 -26.59 -19.52 5.66
C GLY B 146 -26.59 -18.63 4.44
N HIS B 147 -25.75 -17.61 4.43
CA HIS B 147 -25.64 -16.71 3.29
C HIS B 147 -24.87 -17.37 2.16
N THR B 148 -25.36 -17.14 0.93
CA THR B 148 -24.71 -17.64 -0.27
C THR B 148 -23.75 -16.61 -0.87
N GLY B 149 -23.28 -15.66 -0.08
CA GLY B 149 -22.37 -14.64 -0.57
C GLY B 149 -21.59 -14.03 0.57
N TYR B 150 -20.62 -13.20 0.20
CA TYR B 150 -19.76 -12.56 1.19
C TYR B 150 -20.52 -11.52 1.99
N LEU B 151 -20.16 -11.38 3.26
CA LEU B 151 -20.78 -10.39 4.13
C LEU B 151 -20.10 -9.04 3.92
N SER B 152 -20.91 -8.02 3.62
CA SER B 152 -20.41 -6.68 3.32
C SER B 152 -20.49 -5.74 4.52
N CYS B 153 -21.56 -5.81 5.30
CA CYS B 153 -21.73 -4.92 6.45
C CYS B 153 -22.63 -5.60 7.47
N CYS B 154 -22.36 -5.32 8.74
CA CYS B 154 -23.13 -5.88 9.84
C CYS B 154 -23.38 -4.79 10.88
N ARG B 155 -24.54 -4.86 11.53
CA ARG B 155 -24.91 -3.90 12.54
C ARG B 155 -25.77 -4.58 13.59
N PHE B 156 -25.62 -4.16 14.85
CA PHE B 156 -26.37 -4.74 15.96
C PHE B 156 -27.62 -3.92 16.23
N LEU B 157 -28.76 -4.61 16.32
CA LEU B 157 -30.00 -3.98 16.74
C LEU B 157 -30.21 -4.08 18.24
N ASP B 158 -29.78 -5.17 18.85
CA ASP B 158 -29.88 -5.36 20.30
C ASP B 158 -28.87 -6.43 20.70
N ASP B 159 -28.93 -6.86 21.96
CA ASP B 159 -28.00 -7.88 22.45
C ASP B 159 -28.41 -9.28 22.04
N ASN B 160 -29.46 -9.45 21.24
CA ASN B 160 -29.94 -10.78 20.88
C ASN B 160 -30.13 -10.92 19.38
N GLN B 161 -30.38 -9.81 18.69
CA GLN B 161 -30.61 -9.81 17.25
C GLN B 161 -29.49 -9.06 16.55
N ILE B 162 -29.23 -9.45 15.30
CA ILE B 162 -28.18 -8.81 14.51
C ILE B 162 -28.55 -8.92 13.03
N VAL B 163 -28.47 -7.80 12.31
CA VAL B 163 -28.74 -7.77 10.88
C VAL B 163 -27.42 -7.85 10.13
N THR B 164 -27.41 -8.60 9.03
CA THR B 164 -26.22 -8.79 8.22
C THR B 164 -26.58 -8.74 6.75
N SER B 165 -25.79 -7.96 5.99
CA SER B 165 -25.96 -7.85 4.55
C SER B 165 -24.89 -8.68 3.86
N SER B 166 -25.31 -9.50 2.91
CA SER B 166 -24.42 -10.40 2.20
C SER B 166 -24.35 -10.04 0.72
N GLY B 167 -23.33 -10.55 0.05
CA GLY B 167 -23.18 -10.35 -1.38
C GLY B 167 -24.17 -11.10 -2.23
N ASP B 168 -24.97 -11.99 -1.63
CA ASP B 168 -25.97 -12.76 -2.36
C ASP B 168 -27.20 -11.95 -2.74
N THR B 169 -27.17 -10.61 -2.60
CA THR B 169 -28.25 -9.72 -2.98
C THR B 169 -29.41 -9.75 -1.99
N THR B 170 -29.20 -10.27 -0.78
CA THR B 170 -30.25 -10.34 0.22
C THR B 170 -29.64 -10.14 1.59
N CYS B 171 -30.40 -9.49 2.47
CA CYS B 171 -30.00 -9.27 3.85
C CYS B 171 -30.74 -10.25 4.76
N ALA B 172 -30.25 -10.40 5.99
CA ALA B 172 -30.85 -11.35 6.91
C ALA B 172 -30.69 -10.87 8.34
N LEU B 173 -31.80 -10.87 9.09
CA LEU B 173 -31.78 -10.58 10.51
C LEU B 173 -31.77 -11.91 11.26
N TRP B 174 -30.75 -12.13 12.06
CA TRP B 174 -30.53 -13.37 12.80
C TRP B 174 -30.74 -13.14 14.29
N ASP B 175 -31.19 -14.20 14.96
CA ASP B 175 -31.28 -14.22 16.42
C ASP B 175 -30.02 -14.89 16.96
N ILE B 176 -29.22 -14.13 17.70
CA ILE B 176 -27.96 -14.66 18.21
C ILE B 176 -28.20 -15.89 19.08
N GLU B 177 -29.23 -15.85 19.91
CA GLU B 177 -29.51 -16.98 20.79
C GLU B 177 -29.90 -18.22 19.99
N THR B 178 -30.82 -18.05 19.03
CA THR B 178 -31.26 -19.18 18.23
C THR B 178 -30.26 -19.57 17.16
N GLY B 179 -29.45 -18.63 16.69
CA GLY B 179 -28.47 -18.92 15.66
C GLY B 179 -29.08 -19.24 14.31
N GLN B 180 -30.20 -18.62 13.97
CA GLN B 180 -30.87 -18.86 12.70
C GLN B 180 -31.42 -17.53 12.17
N GLN B 181 -31.83 -17.56 10.91
CA GLN B 181 -32.37 -16.36 10.27
C GLN B 181 -33.74 -16.03 10.86
N THR B 182 -33.78 -15.01 11.72
CA THR B 182 -35.07 -14.54 12.22
C THR B 182 -35.95 -14.05 11.08
N THR B 183 -35.34 -13.46 10.05
CA THR B 183 -36.09 -13.06 8.85
C THR B 183 -35.10 -12.72 7.76
N THR B 184 -35.60 -12.68 6.52
CA THR B 184 -34.80 -12.39 5.35
C THR B 184 -35.35 -11.17 4.62
N PHE B 185 -34.53 -10.62 3.72
CA PHE B 185 -34.90 -9.46 2.93
C PHE B 185 -34.31 -9.63 1.53
N THR B 186 -35.17 -9.90 0.56
CA THR B 186 -34.76 -10.12 -0.83
C THR B 186 -35.43 -9.09 -1.73
N GLY B 187 -34.81 -8.87 -2.89
CA GLY B 187 -35.34 -7.92 -3.85
C GLY B 187 -34.26 -7.15 -4.59
N HIS B 188 -33.05 -7.12 -4.05
CA HIS B 188 -31.94 -6.44 -4.69
C HIS B 188 -31.43 -7.25 -5.87
N THR B 189 -31.08 -6.56 -6.96
CA THR B 189 -30.53 -7.19 -8.14
C THR B 189 -29.01 -7.20 -8.15
N GLY B 190 -28.36 -6.76 -7.06
CA GLY B 190 -26.92 -6.74 -6.98
C GLY B 190 -26.46 -7.04 -5.56
N ASP B 191 -25.15 -7.23 -5.44
CA ASP B 191 -24.57 -7.55 -4.13
C ASP B 191 -24.73 -6.38 -3.18
N VAL B 192 -25.27 -6.65 -1.99
CA VAL B 192 -25.45 -5.60 -0.99
C VAL B 192 -24.10 -5.23 -0.41
N MET B 193 -23.77 -3.94 -0.43
CA MET B 193 -22.46 -3.46 -0.01
C MET B 193 -22.45 -2.80 1.36
N SER B 194 -23.57 -2.21 1.78
CA SER B 194 -23.60 -1.49 3.05
C SER B 194 -25.00 -1.59 3.65
N LEU B 195 -25.07 -1.35 4.96
CA LEU B 195 -26.33 -1.40 5.69
C LEU B 195 -26.20 -0.52 6.92
N SER B 196 -27.12 0.41 7.09
CA SER B 196 -27.11 1.36 8.20
C SER B 196 -28.44 1.27 8.94
N LEU B 197 -28.36 1.13 10.27
CA LEU B 197 -29.55 1.05 11.10
C LEU B 197 -30.06 2.44 11.42
N ALA B 198 -31.39 2.60 11.39
CA ALA B 198 -32.00 3.87 11.75
C ALA B 198 -31.85 4.11 13.24
N PRO B 199 -31.88 5.38 13.67
CA PRO B 199 -31.74 5.67 15.12
C PRO B 199 -32.86 5.05 15.94
N ASP B 200 -34.07 4.95 15.40
CA ASP B 200 -35.18 4.35 16.13
C ASP B 200 -35.12 2.83 16.15
N THR B 201 -34.26 2.22 15.35
CA THR B 201 -34.09 0.77 15.24
C THR B 201 -35.28 0.10 14.57
N ARG B 202 -36.26 0.86 14.09
CA ARG B 202 -37.43 0.25 13.46
C ARG B 202 -37.14 -0.16 12.02
N LEU B 203 -36.48 0.71 11.26
CA LEU B 203 -36.17 0.47 9.86
C LEU B 203 -34.67 0.56 9.62
N PHE B 204 -34.24 0.09 8.46
CA PHE B 204 -32.84 0.18 8.06
C PHE B 204 -32.75 0.18 6.55
N VAL B 205 -31.88 1.02 6.01
CA VAL B 205 -31.71 1.17 4.57
C VAL B 205 -30.46 0.41 4.14
N SER B 206 -30.52 -0.17 2.94
CA SER B 206 -29.42 -0.95 2.42
C SER B 206 -29.25 -0.67 0.92
N GLY B 207 -28.00 -0.63 0.49
CA GLY B 207 -27.67 -0.40 -0.90
C GLY B 207 -26.82 -1.53 -1.45
N ALA B 208 -26.96 -1.79 -2.74
CA ALA B 208 -26.27 -2.88 -3.41
C ALA B 208 -25.63 -2.39 -4.69
N CYS B 209 -24.98 -3.32 -5.40
CA CYS B 209 -24.34 -2.96 -6.67
C CYS B 209 -25.33 -2.36 -7.64
N ASP B 210 -26.61 -2.72 -7.53
CA ASP B 210 -27.63 -2.10 -8.36
C ASP B 210 -27.74 -0.61 -8.04
N ALA B 211 -28.09 0.18 -9.05
CA ALA B 211 -28.19 1.63 -8.91
C ALA B 211 -29.49 2.00 -8.18
N SER B 212 -29.60 1.52 -6.95
CA SER B 212 -30.79 1.76 -6.14
C SER B 212 -30.54 1.26 -4.73
N ALA B 213 -31.36 1.76 -3.80
CA ALA B 213 -31.32 1.35 -2.41
C ALA B 213 -32.74 1.04 -1.95
N LYS B 214 -32.84 0.31 -0.83
CA LYS B 214 -34.14 -0.12 -0.33
C LYS B 214 -34.18 0.03 1.18
N LEU B 215 -35.31 0.50 1.69
CA LEU B 215 -35.55 0.64 3.12
C LEU B 215 -36.42 -0.52 3.59
N TRP B 216 -35.86 -1.36 4.47
CA TRP B 216 -36.55 -2.52 5.00
C TRP B 216 -36.94 -2.28 6.45
N ASP B 217 -37.94 -3.03 6.90
CA ASP B 217 -38.43 -2.94 8.28
C ASP B 217 -37.95 -4.15 9.08
N VAL B 218 -37.68 -3.92 10.36
CA VAL B 218 -37.20 -4.99 11.22
C VAL B 218 -38.35 -5.93 11.59
N ARG B 219 -39.48 -5.37 11.99
CA ARG B 219 -40.61 -6.19 12.42
C ARG B 219 -41.28 -6.90 11.23
N GLU B 220 -41.40 -6.19 10.10
CA GLU B 220 -42.03 -6.74 8.91
C GLU B 220 -40.95 -7.00 7.86
N GLY B 221 -40.97 -8.20 7.28
CA GLY B 221 -40.01 -8.57 6.26
C GLY B 221 -40.39 -8.06 4.89
N MET B 222 -40.38 -6.75 4.71
CA MET B 222 -40.72 -6.15 3.43
C MET B 222 -40.13 -4.74 3.37
N CYS B 223 -39.87 -4.29 2.15
CA CYS B 223 -39.32 -2.95 1.94
C CYS B 223 -40.44 -1.93 1.86
N ARG B 224 -40.24 -0.80 2.54
CA ARG B 224 -41.22 0.29 2.53
C ARG B 224 -40.97 1.29 1.42
N GLN B 225 -39.72 1.49 1.03
CA GLN B 225 -39.40 2.45 -0.02
C GLN B 225 -38.19 1.96 -0.81
N THR B 226 -38.15 2.34 -2.09
CA THR B 226 -37.03 2.00 -2.97
C THR B 226 -36.64 3.25 -3.73
N PHE B 227 -35.34 3.55 -3.75
CA PHE B 227 -34.80 4.73 -4.40
C PHE B 227 -33.95 4.29 -5.58
N THR B 228 -34.30 4.78 -6.77
CA THR B 228 -33.60 4.42 -8.01
C THR B 228 -32.81 5.60 -8.58
N GLY B 229 -32.46 6.57 -7.75
CA GLY B 229 -31.71 7.73 -8.21
C GLY B 229 -30.21 7.54 -8.10
N HIS B 230 -29.67 6.52 -8.74
CA HIS B 230 -28.25 6.22 -8.70
C HIS B 230 -27.75 5.93 -10.11
N GLU B 231 -26.44 6.03 -10.28
CA GLU B 231 -25.79 5.79 -11.57
C GLU B 231 -24.83 4.62 -11.57
N SER B 232 -24.28 4.24 -10.42
CA SER B 232 -23.34 3.14 -10.33
C SER B 232 -23.60 2.39 -9.02
N ASP B 233 -22.67 1.50 -8.67
CA ASP B 233 -22.81 0.67 -7.48
C ASP B 233 -22.71 1.54 -6.23
N ILE B 234 -23.76 1.54 -5.42
CA ILE B 234 -23.77 2.28 -4.16
C ILE B 234 -22.90 1.52 -3.17
N ASN B 235 -21.74 2.08 -2.84
CA ASN B 235 -20.78 1.43 -1.95
C ASN B 235 -21.05 1.73 -0.48
N ALA B 236 -21.37 2.97 -0.15
CA ALA B 236 -21.56 3.39 1.24
C ALA B 236 -22.95 3.97 1.43
N ILE B 237 -23.47 3.83 2.65
CA ILE B 237 -24.79 4.36 2.99
C ILE B 237 -24.82 4.63 4.49
N CYS B 238 -25.39 5.78 4.86
CA CYS B 238 -25.48 6.17 6.26
C CYS B 238 -26.82 6.83 6.53
N PHE B 239 -27.48 6.39 7.59
CA PHE B 239 -28.75 6.99 7.99
C PHE B 239 -28.53 8.36 8.60
N PHE B 240 -29.38 9.32 8.22
CA PHE B 240 -29.28 10.65 8.78
C PHE B 240 -29.60 10.61 10.27
N PRO B 241 -28.92 11.42 11.09
CA PRO B 241 -29.18 11.36 12.55
C PRO B 241 -30.64 11.40 12.93
N ASN B 242 -31.49 12.13 12.18
CA ASN B 242 -32.90 12.19 12.52
C ASN B 242 -33.66 10.94 12.12
N GLY B 243 -33.09 10.10 11.27
CA GLY B 243 -33.74 8.89 10.82
C GLY B 243 -34.72 9.07 9.69
N ASN B 244 -34.92 10.29 9.20
CA ASN B 244 -35.86 10.54 8.12
C ASN B 244 -35.20 10.54 6.74
N ALA B 245 -33.88 10.69 6.68
CA ALA B 245 -33.16 10.70 5.41
C ALA B 245 -31.91 9.84 5.56
N PHE B 246 -31.20 9.68 4.45
CA PHE B 246 -29.97 8.90 4.43
C PHE B 246 -29.13 9.28 3.23
N ALA B 247 -27.81 9.25 3.40
CA ALA B 247 -26.87 9.60 2.35
C ALA B 247 -26.26 8.33 1.76
N THR B 248 -26.18 8.29 0.43
CA THR B 248 -25.59 7.18 -0.30
C THR B 248 -24.41 7.67 -1.13
N GLY B 249 -23.43 6.79 -1.29
CA GLY B 249 -22.24 7.09 -2.06
C GLY B 249 -21.80 5.92 -2.92
N SER B 250 -21.66 6.16 -4.22
CA SER B 250 -21.35 5.14 -5.20
C SER B 250 -20.01 5.46 -5.86
N ASP B 251 -19.62 4.61 -6.82
CA ASP B 251 -18.38 4.85 -7.56
C ASP B 251 -18.44 6.12 -8.39
N ASP B 252 -19.63 6.68 -8.61
CA ASP B 252 -19.76 7.90 -9.39
C ASP B 252 -19.11 9.10 -8.72
N ALA B 253 -18.69 8.98 -7.46
CA ALA B 253 -18.06 10.06 -6.71
C ALA B 253 -19.04 11.18 -6.41
N THR B 254 -20.31 10.84 -6.22
CA THR B 254 -21.36 11.83 -5.95
C THR B 254 -22.24 11.31 -4.82
N CYS B 255 -22.25 12.01 -3.69
CA CYS B 255 -23.11 11.66 -2.58
C CYS B 255 -24.52 12.18 -2.82
N ARG B 256 -25.51 11.32 -2.56
CA ARG B 256 -26.91 11.65 -2.79
C ARG B 256 -27.69 11.46 -1.50
N LEU B 257 -28.42 12.50 -1.09
CA LEU B 257 -29.21 12.47 0.14
C LEU B 257 -30.66 12.20 -0.23
N PHE B 258 -31.14 11.02 0.12
CA PHE B 258 -32.52 10.62 -0.14
C PHE B 258 -33.32 10.72 1.15
N ASP B 259 -34.46 11.42 1.08
CA ASP B 259 -35.34 11.59 2.22
C ASP B 259 -36.46 10.56 2.17
N LEU B 260 -36.64 9.83 3.28
CA LEU B 260 -37.66 8.80 3.31
C LEU B 260 -39.06 9.39 3.19
N ARG B 261 -39.28 10.59 3.75
CA ARG B 261 -40.60 11.21 3.67
C ARG B 261 -40.90 11.73 2.27
N ALA B 262 -39.92 12.38 1.65
CA ALA B 262 -40.10 12.86 0.28
C ALA B 262 -39.92 11.75 -0.74
N ASP B 263 -39.10 10.75 -0.45
CA ASP B 263 -38.89 9.60 -1.32
C ASP B 263 -38.26 10.04 -2.65
N GLN B 264 -37.15 10.77 -2.56
CA GLN B 264 -36.44 11.25 -3.74
C GLN B 264 -35.13 11.89 -3.29
N GLU B 265 -34.27 12.14 -4.27
CA GLU B 265 -32.98 12.77 -3.98
C GLU B 265 -33.17 14.26 -3.72
N LEU B 266 -32.57 14.74 -2.64
CA LEU B 266 -32.66 16.15 -2.27
C LEU B 266 -31.48 16.96 -2.81
N MET B 267 -30.25 16.53 -2.52
CA MET B 267 -29.06 17.23 -2.93
C MET B 267 -27.99 16.23 -3.34
N THR B 268 -27.38 16.47 -4.48
CA THR B 268 -26.31 15.62 -5.01
C THR B 268 -24.99 16.36 -4.83
N TYR B 269 -24.13 15.85 -3.94
CA TYR B 269 -22.84 16.45 -3.66
C TYR B 269 -21.83 15.90 -4.65
N SER B 270 -21.51 16.69 -5.67
CA SER B 270 -20.60 16.26 -6.73
C SER B 270 -19.68 17.41 -7.11
N HIS B 271 -18.54 17.06 -7.68
CA HIS B 271 -17.57 18.05 -8.14
C HIS B 271 -16.81 17.47 -9.33
N ASP B 272 -16.36 18.36 -10.21
CA ASP B 272 -15.67 17.93 -11.42
C ASP B 272 -14.32 17.29 -11.10
N ASN B 273 -13.54 17.94 -10.24
CA ASN B 273 -12.20 17.45 -9.93
C ASN B 273 -12.21 16.16 -9.13
N ILE B 274 -13.36 15.75 -8.60
CA ILE B 274 -13.48 14.53 -7.81
C ILE B 274 -14.00 13.45 -8.76
N ILE B 275 -13.13 12.49 -9.08
CA ILE B 275 -13.49 11.39 -9.96
C ILE B 275 -13.43 10.03 -9.26
N CYS B 276 -12.61 9.89 -8.22
CA CYS B 276 -12.49 8.61 -7.53
C CYS B 276 -13.79 8.26 -6.82
N GLY B 277 -14.10 6.97 -6.80
CA GLY B 277 -15.32 6.48 -6.20
C GLY B 277 -15.36 6.74 -4.70
N ILE B 278 -16.47 6.34 -4.09
CA ILE B 278 -16.71 6.51 -2.66
C ILE B 278 -16.68 5.14 -2.00
N THR B 279 -16.15 5.09 -0.78
CA THR B 279 -16.04 3.86 -0.02
C THR B 279 -16.80 3.87 1.30
N SER B 280 -16.86 5.02 1.99
CA SER B 280 -17.55 5.11 3.26
C SER B 280 -18.15 6.49 3.41
N VAL B 281 -19.24 6.57 4.18
CA VAL B 281 -19.94 7.83 4.44
C VAL B 281 -20.41 7.83 5.88
N SER B 282 -20.43 9.01 6.48
CA SER B 282 -20.86 9.16 7.87
C SER B 282 -21.40 10.57 8.07
N PHE B 283 -22.21 10.72 9.12
CA PHE B 283 -22.79 11.99 9.49
C PHE B 283 -22.34 12.41 10.88
N SER B 284 -22.49 13.70 11.17
CA SER B 284 -22.18 14.24 12.49
C SER B 284 -23.43 14.22 13.36
N LYS B 285 -23.29 14.69 14.60
CA LYS B 285 -24.43 14.73 15.51
C LYS B 285 -25.53 15.63 14.99
N SER B 286 -25.17 16.75 14.36
CA SER B 286 -26.15 17.68 13.82
C SER B 286 -26.58 17.35 12.40
N GLY B 287 -25.71 16.67 11.63
CA GLY B 287 -26.03 16.31 10.27
C GLY B 287 -25.56 17.30 9.22
N ARG B 288 -25.16 18.51 9.62
CA ARG B 288 -24.70 19.49 8.64
C ARG B 288 -23.45 19.00 7.91
N LEU B 289 -22.50 18.45 8.65
CA LEU B 289 -21.25 17.97 8.07
C LEU B 289 -21.44 16.52 7.62
N LEU B 290 -21.40 16.30 6.31
CA LEU B 290 -21.52 14.98 5.72
C LEU B 290 -20.14 14.53 5.27
N LEU B 291 -19.60 13.51 5.91
CA LEU B 291 -18.26 13.01 5.61
C LEU B 291 -18.35 11.85 4.63
N ALA B 292 -17.40 11.80 3.69
CA ALA B 292 -17.38 10.74 2.69
C ALA B 292 -15.94 10.45 2.32
N GLY B 293 -15.56 9.17 2.38
CA GLY B 293 -14.23 8.75 2.00
C GLY B 293 -14.16 8.38 0.53
N TYR B 294 -13.14 8.89 -0.14
CA TYR B 294 -12.93 8.66 -1.56
C TYR B 294 -11.65 7.86 -1.77
N ASP B 295 -11.51 7.32 -2.98
CA ASP B 295 -10.33 6.55 -3.36
C ASP B 295 -9.14 7.43 -3.68
N ASP B 296 -9.24 8.75 -3.49
CA ASP B 296 -8.15 9.67 -3.75
C ASP B 296 -7.21 9.81 -2.54
N PHE B 297 -7.22 8.84 -1.64
CA PHE B 297 -6.35 8.84 -0.46
C PHE B 297 -6.71 9.97 0.51
N ASN B 298 -7.97 10.39 0.51
CA ASN B 298 -8.42 11.45 1.40
C ASN B 298 -9.93 11.36 1.55
N CYS B 299 -10.46 12.15 2.48
CA CYS B 299 -11.88 12.23 2.75
C CYS B 299 -12.36 13.66 2.55
N ASN B 300 -13.64 13.82 2.21
CA ASN B 300 -14.24 15.12 1.98
C ASN B 300 -15.46 15.29 2.88
N VAL B 301 -15.54 16.44 3.53
CA VAL B 301 -16.67 16.79 4.39
C VAL B 301 -17.42 17.93 3.73
N TRP B 302 -18.66 17.67 3.33
CA TRP B 302 -19.52 18.62 2.64
C TRP B 302 -20.56 19.17 3.58
N ASP B 303 -21.21 20.25 3.15
CA ASP B 303 -22.31 20.85 3.88
C ASP B 303 -23.61 20.20 3.43
N ALA B 304 -24.35 19.61 4.37
CA ALA B 304 -25.59 18.93 4.02
C ALA B 304 -26.59 19.90 3.38
N LEU B 305 -26.55 21.17 3.76
CA LEU B 305 -27.50 22.15 3.25
C LEU B 305 -26.93 22.90 2.06
N LYS B 306 -25.78 23.56 2.24
CA LYS B 306 -25.19 24.35 1.17
C LYS B 306 -24.62 23.48 0.05
N ALA B 307 -24.27 22.23 0.34
CA ALA B 307 -23.70 21.28 -0.61
C ALA B 307 -22.27 21.62 -1.00
N ASP B 308 -21.69 22.68 -0.45
CA ASP B 308 -20.33 23.06 -0.78
C ASP B 308 -19.33 22.26 0.05
N ARG B 309 -18.13 22.09 -0.50
CA ARG B 309 -17.07 21.36 0.19
C ARG B 309 -16.65 22.15 1.43
N ALA B 310 -16.89 21.57 2.61
CA ALA B 310 -16.55 22.25 3.84
C ALA B 310 -15.10 22.00 4.26
N GLY B 311 -14.60 20.80 4.04
CA GLY B 311 -13.25 20.47 4.45
C GLY B 311 -12.73 19.23 3.77
N VAL B 312 -11.41 19.06 3.84
CA VAL B 312 -10.71 17.94 3.26
C VAL B 312 -9.75 17.36 4.28
N LEU B 313 -9.72 16.04 4.38
CA LEU B 313 -8.83 15.32 5.29
C LEU B 313 -7.89 14.46 4.43
N ALA B 314 -6.67 14.95 4.22
CA ALA B 314 -5.68 14.27 3.39
C ALA B 314 -4.52 13.74 4.21
N GLY B 315 -4.77 13.36 5.47
CA GLY B 315 -3.71 12.83 6.30
C GLY B 315 -3.24 11.46 5.86
N HIS B 316 -4.17 10.59 5.50
CA HIS B 316 -3.81 9.25 5.06
C HIS B 316 -3.03 9.31 3.74
N ASP B 317 -2.42 8.18 3.39
CA ASP B 317 -1.66 8.04 2.16
C ASP B 317 -2.17 6.91 1.28
N ASN B 318 -3.30 6.29 1.65
CA ASN B 318 -3.89 5.20 0.88
C ASN B 318 -5.40 5.34 0.92
N ARG B 319 -6.08 4.50 0.13
CA ARG B 319 -7.53 4.53 0.07
C ARG B 319 -8.14 4.38 1.45
N VAL B 320 -8.93 5.37 1.87
CA VAL B 320 -9.68 5.29 3.12
C VAL B 320 -10.79 4.27 2.94
N SER B 321 -10.72 3.16 3.67
CA SER B 321 -11.68 2.08 3.49
C SER B 321 -12.88 2.18 4.43
N CYS B 322 -12.77 2.95 5.51
CA CYS B 322 -13.88 3.06 6.45
C CYS B 322 -13.72 4.35 7.26
N LEU B 323 -14.84 4.90 7.69
CA LEU B 323 -14.83 6.10 8.51
C LEU B 323 -16.11 6.14 9.34
N GLY B 324 -15.99 6.67 10.55
CA GLY B 324 -17.13 6.74 11.45
C GLY B 324 -17.00 7.78 12.53
N VAL B 325 -18.10 8.48 12.83
CA VAL B 325 -18.14 9.50 13.87
C VAL B 325 -18.69 8.87 15.14
N THR B 326 -18.17 9.33 16.28
CA THR B 326 -18.61 8.79 17.56
C THR B 326 -20.07 9.16 17.82
N ASP B 327 -20.73 8.36 18.65
CA ASP B 327 -22.13 8.61 18.97
C ASP B 327 -22.29 9.90 19.78
N ASP B 328 -21.32 10.23 20.62
CA ASP B 328 -21.39 11.43 21.44
C ASP B 328 -20.92 12.68 20.70
N GLY B 329 -20.34 12.54 19.51
CA GLY B 329 -19.87 13.68 18.76
C GLY B 329 -18.64 14.33 19.36
N MET B 330 -17.52 13.60 19.37
CA MET B 330 -16.26 14.15 19.87
C MET B 330 -15.06 13.90 18.95
N ALA B 331 -15.12 12.93 18.05
CA ALA B 331 -14.01 12.66 17.14
C ALA B 331 -14.53 11.84 15.98
N VAL B 332 -13.66 11.59 15.01
CA VAL B 332 -14.00 10.82 13.82
C VAL B 332 -12.85 9.88 13.51
N ALA B 333 -13.11 8.57 13.52
CA ALA B 333 -12.10 7.59 13.19
C ALA B 333 -12.14 7.28 11.70
N THR B 334 -10.96 7.02 11.13
CA THR B 334 -10.83 6.71 9.71
C THR B 334 -9.76 5.65 9.53
N GLY B 335 -10.15 4.51 8.97
CA GLY B 335 -9.24 3.42 8.69
C GLY B 335 -9.04 3.28 7.18
N SER B 336 -7.77 3.15 6.78
CA SER B 336 -7.39 3.07 5.38
C SER B 336 -6.57 1.80 5.15
N TRP B 337 -6.28 1.55 3.87
CA TRP B 337 -5.48 0.38 3.50
C TRP B 337 -4.01 0.51 3.90
N ASP B 338 -3.59 1.68 4.40
CA ASP B 338 -2.21 1.87 4.84
C ASP B 338 -1.93 1.24 6.20
N SER B 339 -2.85 0.44 6.73
CA SER B 339 -2.71 -0.27 8.00
C SER B 339 -2.66 0.67 9.20
N PHE B 340 -2.99 1.95 9.01
CA PHE B 340 -2.99 2.93 10.09
C PHE B 340 -4.35 3.59 10.16
N LEU B 341 -4.88 3.72 11.38
CA LEU B 341 -6.16 4.36 11.63
C LEU B 341 -5.93 5.71 12.30
N LYS B 342 -6.55 6.75 11.76
CA LYS B 342 -6.36 8.11 12.25
C LYS B 342 -7.65 8.64 12.86
N ILE B 343 -7.53 9.29 14.01
CA ILE B 343 -8.65 9.92 14.69
C ILE B 343 -8.51 11.42 14.52
N TRP B 344 -9.53 12.06 13.96
CA TRP B 344 -9.55 13.48 13.68
C TRP B 344 -10.55 14.18 14.59
N ASN B 345 -10.30 15.46 14.84
CA ASN B 345 -11.18 16.29 15.66
C ASN B 345 -11.01 17.76 15.27
N THR C 6 -43.38 -20.22 -14.75
CA THR C 6 -43.24 -20.71 -13.34
C THR C 6 -42.44 -19.72 -12.51
N ALA C 7 -41.13 -19.70 -12.70
CA ALA C 7 -40.27 -18.78 -11.95
C ALA C 7 -40.31 -17.38 -12.55
N SER C 8 -40.36 -17.28 -13.87
CA SER C 8 -40.42 -15.96 -14.51
C SER C 8 -41.68 -15.22 -14.13
N ILE C 9 -42.83 -15.87 -14.27
CA ILE C 9 -44.09 -15.24 -13.87
C ILE C 9 -44.11 -14.96 -12.38
N ALA C 10 -43.47 -15.84 -11.59
CA ALA C 10 -43.41 -15.63 -10.14
C ALA C 10 -42.68 -14.33 -9.82
N GLN C 11 -41.46 -14.17 -10.35
CA GLN C 11 -40.71 -12.95 -10.07
C GLN C 11 -41.38 -11.73 -10.68
N ALA C 12 -42.08 -11.89 -11.82
CA ALA C 12 -42.81 -10.78 -12.40
C ALA C 12 -43.92 -10.30 -11.46
N ARG C 13 -44.71 -11.24 -10.94
CA ARG C 13 -45.76 -10.87 -9.99
C ARG C 13 -45.17 -10.29 -8.72
N LYS C 14 -44.03 -10.81 -8.28
CA LYS C 14 -43.37 -10.25 -7.09
C LYS C 14 -42.99 -8.80 -7.31
N LEU C 15 -42.35 -8.50 -8.46
CA LEU C 15 -41.97 -7.13 -8.75
C LEU C 15 -43.19 -6.24 -8.91
N VAL C 16 -44.27 -6.76 -9.51
CA VAL C 16 -45.48 -5.97 -9.66
C VAL C 16 -46.05 -5.59 -8.30
N GLU C 17 -46.14 -6.58 -7.40
CA GLU C 17 -46.65 -6.29 -6.05
C GLU C 17 -45.73 -5.34 -5.30
N GLN C 18 -44.41 -5.46 -5.52
CA GLN C 18 -43.47 -4.56 -4.87
C GLN C 18 -43.70 -3.13 -5.33
N LEU C 19 -43.76 -2.91 -6.64
CA LEU C 19 -44.04 -1.58 -7.17
C LEU C 19 -45.39 -1.06 -6.69
N LYS C 20 -46.38 -1.95 -6.57
CA LYS C 20 -47.70 -1.52 -6.09
C LYS C 20 -47.60 -1.01 -4.67
N MET C 21 -47.06 -1.83 -3.76
CA MET C 21 -46.93 -1.40 -2.37
C MET C 21 -46.03 -0.19 -2.22
N GLU C 22 -45.10 0.02 -3.16
CA GLU C 22 -44.26 1.21 -3.11
C GLU C 22 -44.99 2.46 -3.59
N ALA C 23 -45.90 2.32 -4.55
CA ALA C 23 -46.62 3.47 -5.06
C ALA C 23 -47.67 3.94 -4.06
N ASN C 24 -48.33 3.01 -3.37
CA ASN C 24 -49.36 3.34 -2.39
C ASN C 24 -48.72 3.68 -1.04
N ILE C 25 -47.88 4.71 -1.06
CA ILE C 25 -47.18 5.20 0.12
C ILE C 25 -47.46 6.68 0.25
N ASP C 26 -47.75 7.13 1.48
CA ASP C 26 -48.02 8.54 1.71
C ASP C 26 -46.75 9.36 1.49
N ARG C 27 -46.86 10.38 0.65
CA ARG C 27 -45.75 11.26 0.31
C ARG C 27 -46.05 12.68 0.76
N ILE C 28 -45.03 13.53 0.72
CA ILE C 28 -45.15 14.93 1.08
C ILE C 28 -44.26 15.75 0.15
N LYS C 29 -44.52 17.06 0.12
CA LYS C 29 -43.72 17.95 -0.70
C LYS C 29 -42.30 18.03 -0.18
N VAL C 30 -41.34 18.20 -1.10
CA VAL C 30 -39.94 18.28 -0.71
C VAL C 30 -39.68 19.50 0.17
N SER C 31 -40.51 20.54 0.03
CA SER C 31 -40.31 21.75 0.82
C SER C 31 -40.44 21.46 2.31
N LYS C 32 -41.46 20.71 2.70
CA LYS C 32 -41.67 20.42 4.13
C LYS C 32 -40.54 19.54 4.67
N ALA C 33 -40.08 18.56 3.89
CA ALA C 33 -38.99 17.72 4.33
C ALA C 33 -37.70 18.54 4.50
N ALA C 34 -37.43 19.44 3.55
CA ALA C 34 -36.25 20.30 3.67
C ALA C 34 -36.35 21.21 4.88
N ALA C 35 -37.55 21.75 5.12
CA ALA C 35 -37.73 22.61 6.30
C ALA C 35 -37.51 21.84 7.59
N ASP C 36 -38.02 20.61 7.66
CA ASP C 36 -37.82 19.80 8.85
C ASP C 36 -36.35 19.46 9.04
N LEU C 37 -35.64 19.14 7.96
CA LEU C 37 -34.22 18.83 8.06
C LEU C 37 -33.43 20.06 8.53
N MET C 38 -33.76 21.23 7.99
CA MET C 38 -33.07 22.45 8.42
C MET C 38 -33.37 22.77 9.87
N ALA C 39 -34.60 22.53 10.31
CA ALA C 39 -34.93 22.76 11.71
C ALA C 39 -34.15 21.81 12.62
N TYR C 40 -34.07 20.54 12.23
CA TYR C 40 -33.28 19.57 13.01
C TYR C 40 -31.82 20.01 13.08
N CYS C 41 -31.27 20.47 11.96
CA CYS C 41 -29.88 20.92 11.96
C CYS C 41 -29.70 22.14 12.86
N GLU C 42 -30.61 23.11 12.78
CA GLU C 42 -30.50 24.29 13.63
C GLU C 42 -30.66 23.94 15.10
N ALA C 43 -31.44 22.92 15.42
CA ALA C 43 -31.64 22.53 16.81
C ALA C 43 -30.47 21.73 17.36
N HIS C 44 -29.80 20.93 16.52
CA HIS C 44 -28.69 20.10 16.97
C HIS C 44 -27.33 20.74 16.72
N ALA C 45 -27.28 21.93 16.11
CA ALA C 45 -26.00 22.61 15.93
C ALA C 45 -25.31 22.89 17.25
N LYS C 46 -26.08 23.10 18.32
CA LYS C 46 -25.50 23.39 19.63
C LYS C 46 -24.82 22.18 20.26
N GLU C 47 -24.90 21.01 19.63
CA GLU C 47 -24.23 19.80 20.12
C GLU C 47 -23.43 19.13 19.02
N ASP C 48 -23.04 19.87 17.98
CA ASP C 48 -22.29 19.31 16.87
C ASP C 48 -20.82 19.15 17.24
N PRO C 49 -20.17 18.07 16.80
CA PRO C 49 -18.76 17.89 17.19
C PRO C 49 -17.83 18.99 16.72
N LEU C 50 -17.89 19.36 15.44
CA LEU C 50 -16.94 20.31 14.87
C LEU C 50 -17.56 21.58 14.31
N LEU C 51 -18.89 21.65 14.17
CA LEU C 51 -19.50 22.86 13.63
C LEU C 51 -19.17 24.07 14.49
N THR C 52 -19.16 23.90 15.82
CA THR C 52 -18.83 24.98 16.75
C THR C 52 -17.53 24.66 17.49
N PRO C 53 -16.68 25.65 17.73
CA PRO C 53 -15.42 25.38 18.43
C PRO C 53 -15.64 25.15 19.92
N VAL C 54 -14.78 24.32 20.50
CA VAL C 54 -14.83 24.01 21.92
C VAL C 54 -13.43 23.96 22.48
N PRO C 55 -13.29 24.24 23.78
CA PRO C 55 -11.95 24.22 24.39
C PRO C 55 -11.41 22.80 24.52
N ALA C 56 -10.09 22.71 24.64
CA ALA C 56 -9.44 21.42 24.79
C ALA C 56 -9.77 20.75 26.11
N SER C 57 -10.24 21.51 27.10
CA SER C 57 -10.59 20.91 28.39
C SER C 57 -11.70 19.89 28.25
N GLU C 58 -12.66 20.15 27.36
CA GLU C 58 -13.77 19.24 27.14
C GLU C 58 -13.45 18.13 26.15
N ASN C 59 -12.47 18.33 25.28
CA ASN C 59 -12.10 17.32 24.30
C ASN C 59 -11.29 16.21 24.95
N LEU D 47 42.84 29.27 -10.67
CA LEU D 47 44.07 30.10 -10.87
C LEU D 47 45.12 29.30 -11.64
N CYS D 48 45.41 28.09 -11.16
CA CYS D 48 46.38 27.22 -11.78
C CYS D 48 45.75 26.23 -12.75
N ALA D 49 44.55 26.53 -13.25
CA ALA D 49 43.79 25.73 -14.19
C ALA D 49 43.23 24.45 -13.57
N ILE D 50 43.53 24.18 -12.29
CA ILE D 50 43.01 23.00 -11.63
C ILE D 50 41.91 23.32 -10.62
N TYR D 51 41.95 24.50 -10.00
CA TYR D 51 40.93 24.86 -9.02
C TYR D 51 39.54 24.91 -9.65
N ILE D 52 39.46 25.21 -10.95
CA ILE D 52 38.16 25.31 -11.60
C ILE D 52 37.49 23.95 -11.64
N THR D 53 38.25 22.89 -11.97
CA THR D 53 37.66 21.55 -12.00
C THR D 53 37.18 21.13 -10.62
N TYR D 54 37.98 21.40 -9.59
CA TYR D 54 37.56 21.07 -8.23
C TYR D 54 36.29 21.83 -7.85
N ALA D 55 36.22 23.12 -8.19
CA ALA D 55 35.03 23.90 -7.87
C ALA D 55 33.82 23.35 -8.59
N VAL D 56 33.97 22.97 -9.86
CA VAL D 56 32.83 22.43 -10.62
C VAL D 56 32.38 21.11 -10.01
N ILE D 57 33.33 20.25 -9.63
CA ILE D 57 32.97 18.97 -9.02
C ILE D 57 32.21 19.20 -7.72
N ILE D 58 32.72 20.09 -6.87
CA ILE D 58 32.06 20.37 -5.60
C ILE D 58 30.66 20.94 -5.85
N SER D 59 30.52 21.81 -6.86
CA SER D 59 29.23 22.42 -7.12
C SER D 59 28.22 21.37 -7.58
N VAL D 60 28.62 20.50 -8.52
CA VAL D 60 27.70 19.48 -9.01
C VAL D 60 27.33 18.51 -7.89
N GLY D 61 28.29 18.16 -7.04
CA GLY D 61 27.99 17.28 -5.92
C GLY D 61 27.02 17.91 -4.93
N ILE D 62 27.25 19.18 -4.59
CA ILE D 62 26.34 19.87 -3.68
C ILE D 62 24.96 19.94 -4.28
N LEU D 63 24.86 20.26 -5.57
CA LEU D 63 23.55 20.33 -6.23
C LEU D 63 22.84 18.98 -6.18
N GLY D 64 23.56 17.91 -6.53
CA GLY D 64 22.96 16.59 -6.51
C GLY D 64 22.44 16.22 -5.13
N ASN D 65 23.28 16.40 -4.11
CA ASN D 65 22.88 16.03 -2.76
C ASN D 65 21.73 16.90 -2.26
N ALA D 66 21.74 18.19 -2.60
CA ALA D 66 20.66 19.08 -2.18
C ALA D 66 19.34 18.66 -2.81
N ILE D 67 19.35 18.37 -4.11
CA ILE D 67 18.12 17.93 -4.77
C ILE D 67 17.68 16.59 -4.20
N LEU D 68 18.63 15.72 -3.85
CA LEU D 68 18.27 14.42 -3.27
C LEU D 68 17.56 14.59 -1.94
N ILE D 69 18.11 15.43 -1.06
CA ILE D 69 17.48 15.63 0.24
C ILE D 69 16.14 16.33 0.09
N LYS D 70 16.05 17.28 -0.85
CA LYS D 70 14.78 17.97 -1.08
C LYS D 70 13.72 17.00 -1.58
N VAL D 71 14.11 16.05 -2.43
CA VAL D 71 13.16 15.04 -2.90
C VAL D 71 12.75 14.14 -1.76
N PHE D 72 13.71 13.69 -0.94
CA PHE D 72 13.40 12.81 0.17
C PHE D 72 12.45 13.47 1.15
N PHE D 73 12.60 14.78 1.37
CA PHE D 73 11.74 15.48 2.32
C PHE D 73 10.38 15.81 1.72
N LYS D 74 10.37 16.52 0.59
CA LYS D 74 9.11 16.94 -0.02
C LYS D 74 8.28 15.73 -0.48
N THR D 75 8.88 14.89 -1.32
CA THR D 75 8.19 13.72 -1.87
C THR D 75 8.16 12.64 -0.79
N LYS D 76 7.08 12.64 0.00
CA LYS D 76 6.93 11.67 1.08
C LYS D 76 6.75 10.25 0.55
N SER D 77 6.26 10.09 -0.68
CA SER D 77 6.04 8.76 -1.22
C SER D 77 7.33 7.95 -1.29
N MET D 78 8.49 8.60 -1.38
CA MET D 78 9.77 7.92 -1.46
C MET D 78 10.40 7.69 -0.10
N GLN D 79 9.74 8.07 0.99
CA GLN D 79 10.29 7.92 2.34
C GLN D 79 9.93 6.55 2.91
N THR D 80 10.49 5.51 2.26
CA THR D 80 10.32 4.15 2.73
C THR D 80 11.42 3.80 3.73
N VAL D 81 11.40 2.57 4.22
CA VAL D 81 12.32 2.13 5.26
C VAL D 81 13.76 2.27 4.79
N PRO D 82 14.17 1.63 3.69
CA PRO D 82 15.59 1.69 3.32
C PRO D 82 16.05 3.07 2.89
N ASN D 83 15.18 3.84 2.23
CA ASN D 83 15.59 5.13 1.68
C ASN D 83 16.28 6.00 2.73
N ILE D 84 15.91 5.84 4.00
CA ILE D 84 16.57 6.61 5.07
C ILE D 84 18.09 6.50 4.91
N PHE D 85 18.60 5.26 4.95
CA PHE D 85 20.03 5.05 4.76
C PHE D 85 20.54 5.88 3.58
N ILE D 86 19.86 5.76 2.44
CA ILE D 86 20.30 6.49 1.25
C ILE D 86 20.49 7.96 1.58
N THR D 87 19.43 8.62 2.04
CA THR D 87 19.52 10.05 2.31
C THR D 87 20.59 10.33 3.36
N SER D 88 20.75 9.43 4.32
CA SER D 88 21.81 9.59 5.31
C SER D 88 23.15 9.80 4.60
N LEU D 89 23.49 8.90 3.67
CA LEU D 89 24.69 9.06 2.88
C LEU D 89 24.79 10.48 2.34
N ALA D 90 23.72 10.95 1.68
CA ALA D 90 23.71 12.30 1.14
C ALA D 90 24.16 13.31 2.20
N PHE D 91 23.51 13.27 3.37
CA PHE D 91 23.92 14.15 4.46
C PHE D 91 25.42 14.08 4.67
N GLY D 92 25.94 12.89 4.92
CA GLY D 92 27.36 12.70 5.03
C GLY D 92 28.08 13.39 3.90
N ASP D 93 27.75 13.00 2.66
CA ASP D 93 28.34 13.63 1.49
C ASP D 93 28.30 15.15 1.63
N LEU D 94 27.10 15.70 1.88
CA LEU D 94 26.98 17.13 2.07
C LEU D 94 28.04 17.64 3.03
N LEU D 95 28.03 17.11 4.26
CA LEU D 95 29.03 17.52 5.23
C LEU D 95 30.44 17.43 4.63
N LEU D 96 30.77 16.28 4.05
CA LEU D 96 32.05 16.13 3.40
C LEU D 96 32.31 17.29 2.45
N LEU D 97 31.39 17.51 1.51
CA LEU D 97 31.52 18.64 0.60
C LEU D 97 31.57 19.95 1.38
N LEU D 98 30.66 20.12 2.34
CA LEU D 98 30.66 21.33 3.15
C LEU D 98 31.93 21.47 3.96
N THR D 99 32.63 20.36 4.21
CA THR D 99 33.92 20.40 4.89
C THR D 99 35.09 20.28 3.91
N CYS D 100 34.83 20.05 2.64
CA CYS D 100 35.89 19.94 1.64
C CYS D 100 36.27 21.29 1.04
N VAL D 101 35.32 22.22 0.95
CA VAL D 101 35.57 23.54 0.37
C VAL D 101 36.67 24.23 1.18
N PRO D 102 36.51 24.42 2.50
CA PRO D 102 37.55 25.13 3.24
C PRO D 102 38.87 24.39 3.30
N VAL D 103 38.83 23.09 3.61
CA VAL D 103 40.06 22.31 3.78
C VAL D 103 40.99 22.53 2.58
N ASP D 104 40.45 22.34 1.38
CA ASP D 104 41.27 22.56 0.18
C ASP D 104 41.52 24.05 -0.04
N ALA D 105 40.51 24.90 0.23
CA ALA D 105 40.68 26.33 0.05
C ALA D 105 41.86 26.86 0.87
N THR D 106 42.20 26.20 1.97
CA THR D 106 43.36 26.58 2.75
C THR D 106 44.63 25.83 2.35
N HIS D 107 44.49 24.63 1.77
CA HIS D 107 45.68 23.90 1.31
C HIS D 107 46.25 24.53 0.05
N TYR D 108 45.38 25.06 -0.81
CA TYR D 108 45.79 25.71 -2.04
C TYR D 108 45.36 27.17 -2.02
N LEU D 109 46.11 28.00 -2.75
CA LEU D 109 45.83 29.43 -2.83
C LEU D 109 45.91 30.07 -1.44
N ALA D 110 46.89 29.65 -0.65
CA ALA D 110 47.08 30.17 0.69
C ALA D 110 48.51 29.91 1.13
N GLU D 111 49.00 30.76 2.04
CA GLU D 111 50.37 30.62 2.51
C GLU D 111 50.47 29.68 3.70
N GLY D 112 49.49 29.71 4.60
CA GLY D 112 49.50 28.86 5.78
C GLY D 112 48.06 28.69 6.26
N TRP D 113 47.90 27.92 7.34
CA TRP D 113 46.58 27.67 7.89
C TRP D 113 45.96 28.96 8.42
N LEU D 114 44.64 29.03 8.35
CA LEU D 114 43.89 30.23 8.72
C LEU D 114 42.91 30.00 9.86
N PHE D 115 42.21 28.86 9.89
CA PHE D 115 41.18 28.64 10.89
C PHE D 115 41.73 28.48 12.30
N GLY D 116 43.05 28.37 12.46
CA GLY D 116 43.64 28.25 13.78
C GLY D 116 43.68 26.82 14.29
N ARG D 117 44.09 26.70 15.55
CA ARG D 117 44.24 25.38 16.16
C ARG D 117 42.89 24.69 16.32
N ILE D 118 41.98 25.30 17.08
CA ILE D 118 40.65 24.72 17.24
C ILE D 118 39.94 24.62 15.90
N GLY D 119 40.24 25.54 14.99
CA GLY D 119 39.68 25.47 13.65
C GLY D 119 40.05 24.17 12.96
N CYS D 120 41.35 23.88 12.86
CA CYS D 120 41.77 22.62 12.25
C CYS D 120 41.22 21.44 13.02
N LYS D 121 41.19 21.52 14.34
CA LYS D 121 40.63 20.44 15.16
C LYS D 121 39.22 20.09 14.70
N VAL D 122 38.32 21.08 14.75
CA VAL D 122 36.92 20.82 14.42
C VAL D 122 36.78 20.42 12.97
N LEU D 123 37.56 21.04 12.07
CA LEU D 123 37.42 20.75 10.65
C LEU D 123 37.82 19.31 10.34
N SER D 124 38.98 18.88 10.84
CA SER D 124 39.40 17.51 10.64
C SER D 124 38.43 16.53 11.28
N PHE D 125 37.94 16.86 12.49
CA PHE D 125 36.98 15.98 13.14
C PHE D 125 35.75 15.78 12.26
N ILE D 126 35.16 16.87 11.80
CA ILE D 126 33.92 16.77 11.02
C ILE D 126 34.18 16.08 9.69
N ARG D 127 35.33 16.34 9.07
CA ARG D 127 35.63 15.72 7.79
C ARG D 127 35.80 14.20 7.93
N LEU D 128 36.56 13.77 8.94
CA LEU D 128 36.75 12.35 9.15
C LEU D 128 35.44 11.68 9.54
N THR D 129 34.61 12.37 10.33
CA THR D 129 33.31 11.82 10.68
C THR D 129 32.44 11.64 9.43
N SER D 130 32.46 12.64 8.54
CA SER D 130 31.67 12.54 7.31
C SER D 130 32.16 11.40 6.43
N VAL D 131 33.48 11.24 6.31
CA VAL D 131 34.02 10.16 5.48
C VAL D 131 33.63 8.81 6.07
N GLY D 132 33.76 8.65 7.38
CA GLY D 132 33.37 7.41 8.02
C GLY D 132 31.89 7.12 7.85
N VAL D 133 31.04 8.13 8.02
CA VAL D 133 29.61 7.96 7.82
C VAL D 133 29.32 7.54 6.39
N SER D 134 29.99 8.16 5.42
CA SER D 134 29.77 7.81 4.03
C SER D 134 30.14 6.35 3.77
N VAL D 135 31.31 5.92 4.23
CA VAL D 135 31.74 4.55 4.00
C VAL D 135 30.79 3.57 4.67
N PHE D 136 30.40 3.86 5.92
CA PHE D 136 29.52 2.95 6.65
C PHE D 136 28.15 2.88 5.99
N THR D 137 27.62 4.00 5.54
CA THR D 137 26.32 3.98 4.87
C THR D 137 26.40 3.26 3.53
N LEU D 138 27.51 3.40 2.81
CA LEU D 138 27.67 2.66 1.56
C LEU D 138 27.67 1.16 1.80
N THR D 139 28.45 0.71 2.79
CA THR D 139 28.48 -0.73 3.06
C THR D 139 27.14 -1.24 3.59
N ILE D 140 26.44 -0.42 4.39
CA ILE D 140 25.13 -0.83 4.88
C ILE D 140 24.13 -0.93 3.74
N LEU D 141 24.18 0.01 2.79
CA LEU D 141 23.30 -0.07 1.62
C LEU D 141 23.63 -1.29 0.79
N SER D 142 24.92 -1.61 0.64
CA SER D 142 25.30 -2.82 -0.08
C SER D 142 24.74 -4.06 0.61
N ALA D 143 24.85 -4.13 1.93
CA ALA D 143 24.32 -5.26 2.67
C ALA D 143 22.80 -5.36 2.51
N ASP D 144 22.11 -4.22 2.56
CA ASP D 144 20.66 -4.23 2.41
C ASP D 144 20.25 -4.70 1.02
N ARG D 145 20.94 -4.20 -0.02
CA ARG D 145 20.64 -4.64 -1.37
C ARG D 145 20.91 -6.14 -1.54
N TYR D 146 21.99 -6.63 -0.93
CA TYR D 146 22.27 -8.06 -0.98
C TYR D 146 21.14 -8.86 -0.32
N LYS D 147 20.73 -8.45 0.88
CA LYS D 147 19.68 -9.16 1.59
C LYS D 147 18.35 -9.10 0.85
N ALA D 148 18.10 -8.01 0.12
CA ALA D 148 16.83 -7.86 -0.57
C ALA D 148 16.79 -8.59 -1.90
N VAL D 149 17.92 -8.64 -2.62
CA VAL D 149 17.96 -9.28 -3.93
C VAL D 149 18.28 -10.75 -3.82
N VAL D 150 19.29 -11.11 -3.02
CA VAL D 150 19.67 -12.52 -2.89
C VAL D 150 18.67 -13.26 -2.03
N LYS D 151 18.12 -12.60 -1.00
CA LYS D 151 17.14 -13.19 -0.10
C LYS D 151 15.87 -12.35 -0.14
N PRO D 152 15.15 -12.37 -1.27
CA PRO D 152 13.95 -11.53 -1.37
C PRO D 152 12.81 -12.00 -0.47
N LEU D 153 12.73 -13.29 -0.17
CA LEU D 153 11.64 -13.81 0.65
C LEU D 153 11.80 -13.47 2.12
N GLU D 154 12.96 -12.93 2.53
CA GLU D 154 13.21 -12.59 3.92
C GLU D 154 13.06 -11.10 4.19
N ARG D 155 12.14 -10.44 3.50
CA ARG D 155 11.95 -9.01 3.70
C ARG D 155 11.56 -8.72 5.14
N GLN D 156 12.18 -7.70 5.72
CA GLN D 156 11.89 -7.30 7.09
C GLN D 156 10.59 -6.51 7.15
N PRO D 157 10.03 -6.32 8.35
CA PRO D 157 8.79 -5.56 8.45
C PRO D 157 8.92 -4.17 7.84
N SER D 158 7.85 -3.71 7.19
CA SER D 158 7.84 -2.42 6.54
C SER D 158 7.38 -1.34 7.52
N ASN D 159 7.60 -0.09 7.12
CA ASN D 159 7.26 1.09 7.91
C ASN D 159 8.01 1.16 9.24
N ALA D 160 9.06 0.35 9.40
CA ALA D 160 9.85 0.36 10.64
C ALA D 160 10.95 1.42 10.52
N ILE D 161 10.51 2.67 10.53
CA ILE D 161 11.45 3.78 10.40
C ILE D 161 12.33 3.87 11.64
N LEU D 162 11.84 3.43 12.79
CA LEU D 162 12.62 3.53 14.02
C LEU D 162 13.88 2.69 13.93
N LYS D 163 13.79 1.49 13.33
CA LYS D 163 14.95 0.62 13.25
C LYS D 163 16.05 1.25 12.39
N THR D 164 15.68 1.74 11.21
CA THR D 164 16.66 2.36 10.33
C THR D 164 17.22 3.64 10.96
N CYS D 165 16.39 4.39 11.68
CA CYS D 165 16.89 5.58 12.35
C CYS D 165 17.91 5.23 13.42
N VAL D 166 17.62 4.20 14.21
CA VAL D 166 18.58 3.78 15.23
C VAL D 166 19.86 3.26 14.60
N LYS D 167 19.74 2.55 13.47
CA LYS D 167 20.93 2.06 12.78
C LYS D 167 21.79 3.23 12.28
N ALA D 168 21.16 4.23 11.68
CA ALA D 168 21.90 5.40 11.22
C ALA D 168 22.55 6.14 12.39
N GLY D 169 21.82 6.26 13.50
CA GLY D 169 22.41 6.87 14.68
C GLY D 169 23.63 6.13 15.19
N CYS D 170 23.54 4.80 15.22
CA CYS D 170 24.68 3.99 15.66
C CYS D 170 25.85 4.15 14.70
N VAL D 171 25.57 4.21 13.40
CA VAL D 171 26.64 4.40 12.42
C VAL D 171 27.32 5.74 12.65
N TRP D 172 26.53 6.80 12.83
CA TRP D 172 27.12 8.11 13.08
C TRP D 172 27.93 8.13 14.37
N ILE D 173 27.45 7.45 15.42
CA ILE D 173 28.17 7.42 16.68
C ILE D 173 29.49 6.67 16.51
N VAL D 174 29.47 5.56 15.76
CA VAL D 174 30.71 4.82 15.53
C VAL D 174 31.69 5.66 14.74
N SER D 175 31.20 6.41 13.75
CA SER D 175 32.08 7.28 12.98
C SER D 175 32.71 8.34 13.89
N MET D 176 31.89 8.96 14.73
CA MET D 176 32.42 9.99 15.64
C MET D 176 33.44 9.40 16.60
N ILE D 177 33.18 8.19 17.11
CA ILE D 177 34.12 7.55 18.03
C ILE D 177 35.44 7.26 17.33
N PHE D 178 35.37 6.73 16.11
CA PHE D 178 36.59 6.41 15.38
C PHE D 178 37.32 7.67 14.93
N ALA D 179 36.64 8.80 14.83
CA ALA D 179 37.28 10.06 14.46
C ALA D 179 37.85 10.81 15.67
N LEU D 180 37.31 10.58 16.86
CA LEU D 180 37.82 11.26 18.06
C LEU D 180 39.34 11.17 18.20
N PRO D 181 40.00 10.04 17.93
CA PRO D 181 41.47 10.02 18.07
C PRO D 181 42.17 11.10 17.25
N GLU D 182 41.91 11.16 15.94
CA GLU D 182 42.54 12.19 15.12
C GLU D 182 42.14 13.58 15.57
N ALA D 183 40.91 13.75 16.07
CA ALA D 183 40.46 15.05 16.52
C ALA D 183 41.26 15.52 17.72
N ILE D 184 41.50 14.63 18.69
CA ILE D 184 42.24 15.01 19.88
C ILE D 184 43.72 15.12 19.59
N PHE D 185 44.22 14.38 18.60
CA PHE D 185 45.63 14.41 18.25
C PHE D 185 45.95 15.39 17.13
N SER D 186 44.95 15.89 16.41
CA SER D 186 45.20 16.87 15.36
C SER D 186 45.59 18.21 15.97
N ASN D 187 46.41 18.96 15.23
CA ASN D 187 46.86 20.27 15.70
C ASN D 187 47.63 20.93 14.58
N VAL D 188 47.73 22.26 14.66
CA VAL D 188 48.46 23.04 13.67
C VAL D 188 49.90 23.21 14.15
N TYR D 189 50.86 22.86 13.29
CA TYR D 189 52.26 22.95 13.60
C TYR D 189 52.99 23.67 12.47
N THR D 190 54.17 24.19 12.80
CA THR D 190 55.00 24.92 11.84
C THR D 190 56.03 24.00 11.22
N PHE D 191 56.17 24.08 9.90
CA PHE D 191 57.17 23.33 9.15
C PHE D 191 58.07 24.30 8.40
N ARG D 192 59.37 24.00 8.39
CA ARG D 192 60.37 24.84 7.75
C ARG D 192 60.46 24.51 6.26
N ASP D 193 60.87 25.50 5.47
CA ASP D 193 61.06 25.33 4.03
C ASP D 193 62.45 25.83 3.67
N PRO D 194 63.42 24.94 3.45
CA PRO D 194 64.77 25.39 3.08
C PRO D 194 64.79 26.28 1.84
N ASN D 195 63.91 26.02 0.88
CA ASN D 195 63.87 26.85 -0.32
C ASN D 195 63.55 28.30 0.03
N LYS D 196 62.68 28.50 1.01
CA LYS D 196 62.30 29.84 1.45
C LYS D 196 62.95 30.25 2.76
N ASN D 197 63.52 29.31 3.50
CA ASN D 197 64.18 29.60 4.78
C ASN D 197 63.21 30.22 5.78
N MET D 198 61.95 29.81 5.74
CA MET D 198 60.93 30.32 6.65
C MET D 198 59.99 29.18 7.03
N THR D 199 59.15 29.44 8.02
CA THR D 199 58.20 28.46 8.53
C THR D 199 56.80 28.77 8.03
N PHE D 200 55.99 27.72 7.95
CA PHE D 200 54.60 27.83 7.54
C PHE D 200 53.74 26.90 8.39
N GLU D 201 52.57 27.38 8.78
CA GLU D 201 51.67 26.60 9.62
C GLU D 201 50.83 25.65 8.76
N SER D 202 50.57 24.46 9.31
CA SER D 202 49.79 23.47 8.59
C SER D 202 49.22 22.46 9.58
N CYS D 203 48.11 21.85 9.18
CA CYS D 203 47.47 20.82 10.00
C CYS D 203 48.34 19.57 10.06
N THR D 204 48.21 18.83 11.16
CA THR D 204 48.84 17.53 11.30
C THR D 204 47.97 16.69 12.22
N SER D 205 47.63 15.48 11.78
CA SER D 205 46.80 14.60 12.59
C SER D 205 47.51 14.13 13.85
N TYR D 206 48.83 14.17 13.88
CA TYR D 206 49.61 13.76 15.04
C TYR D 206 50.87 14.62 15.10
N PRO D 207 51.48 14.75 16.27
CA PRO D 207 52.71 15.54 16.38
C PRO D 207 53.87 14.84 15.70
N VAL D 208 54.89 15.64 15.36
CA VAL D 208 56.07 15.09 14.69
C VAL D 208 56.87 14.22 15.64
N SER D 209 56.69 14.40 16.96
CA SER D 209 57.45 13.62 17.93
C SER D 209 56.95 12.19 18.07
N LYS D 210 55.81 11.85 17.46
CA LYS D 210 55.24 10.51 17.52
C LYS D 210 54.91 10.00 16.13
N LYS D 211 55.81 10.25 15.18
CA LYS D 211 55.60 9.82 13.79
C LYS D 211 55.08 8.40 13.72
N LEU D 212 55.82 7.46 14.35
CA LEU D 212 55.41 6.06 14.35
C LEU D 212 53.92 5.92 14.66
N LEU D 213 53.48 6.51 15.78
CA LEU D 213 52.07 6.45 16.15
C LEU D 213 51.19 6.79 14.95
N GLN D 214 51.41 7.98 14.37
CA GLN D 214 50.65 8.39 13.19
C GLN D 214 50.59 7.26 12.18
N GLU D 215 51.75 6.74 11.77
CA GLU D 215 51.80 5.65 10.82
C GLU D 215 50.79 4.56 11.19
N ILE D 216 50.90 4.05 12.41
CA ILE D 216 49.96 3.02 12.87
C ILE D 216 48.53 3.45 12.57
N HIS D 217 48.13 4.60 13.12
CA HIS D 217 46.79 5.12 12.87
C HIS D 217 46.47 5.05 11.39
N SER D 218 47.32 5.64 10.55
CA SER D 218 47.09 5.61 9.11
C SER D 218 46.75 4.20 8.65
N LEU D 219 47.64 3.24 8.94
CA LEU D 219 47.38 1.86 8.58
C LEU D 219 45.98 1.46 9.03
N LEU D 220 45.70 1.59 10.32
CA LEU D 220 44.37 1.28 10.83
C LEU D 220 43.29 1.94 9.97
N CYS D 221 43.41 3.26 9.78
CA CYS D 221 42.43 3.97 8.96
C CYS D 221 42.23 3.24 7.64
N PHE D 222 43.31 2.95 6.92
CA PHE D 222 43.21 2.20 5.68
C PHE D 222 42.45 0.90 5.91
N LEU D 223 42.93 0.08 6.84
CA LEU D 223 42.28 -1.20 7.12
C LEU D 223 40.81 -1.01 7.47
N VAL D 224 40.46 0.14 8.04
CA VAL D 224 39.08 0.39 8.45
C VAL D 224 38.28 1.14 7.40
N PHE D 225 38.94 1.77 6.41
CA PHE D 225 38.25 2.59 5.43
C PHE D 225 38.33 2.05 4.01
N TYR D 226 39.34 1.23 3.68
CA TYR D 226 39.51 0.74 2.33
C TYR D 226 39.40 -0.78 2.23
N ILE D 227 40.15 -1.52 3.04
CA ILE D 227 40.23 -2.98 2.85
C ILE D 227 38.87 -3.63 3.10
N ILE D 228 38.38 -3.52 4.33
CA ILE D 228 37.17 -4.24 4.73
C ILE D 228 35.96 -3.67 4.01
N PRO D 229 35.78 -2.34 3.96
CA PRO D 229 34.61 -1.81 3.23
C PRO D 229 34.62 -2.17 1.76
N LEU D 230 35.76 -2.01 1.08
CA LEU D 230 35.81 -2.36 -0.33
C LEU D 230 35.54 -3.85 -0.53
N SER D 231 36.11 -4.71 0.32
CA SER D 231 35.91 -6.14 0.16
C SER D 231 34.45 -6.51 0.34
N ILE D 232 33.81 -6.00 1.39
CA ILE D 232 32.42 -6.36 1.64
C ILE D 232 31.52 -5.82 0.53
N ILE D 233 31.75 -4.58 0.10
CA ILE D 233 30.95 -4.03 -0.98
C ILE D 233 31.13 -4.83 -2.26
N SER D 234 32.37 -5.25 -2.54
CA SER D 234 32.64 -6.00 -3.75
C SER D 234 31.94 -7.34 -3.73
N VAL D 235 32.04 -8.07 -2.62
CA VAL D 235 31.41 -9.39 -2.56
C VAL D 235 29.89 -9.25 -2.63
N TYR D 236 29.32 -8.24 -1.95
CA TYR D 236 27.88 -8.06 -2.00
C TYR D 236 27.41 -7.72 -3.41
N TYR D 237 28.11 -6.80 -4.10
CA TYR D 237 27.72 -6.43 -5.44
C TYR D 237 27.88 -7.60 -6.42
N SER D 238 28.93 -8.41 -6.22
CA SER D 238 29.10 -9.58 -7.08
C SER D 238 27.97 -10.58 -6.88
N LEU D 239 27.59 -10.84 -5.63
CA LEU D 239 26.47 -11.75 -5.37
C LEU D 239 25.17 -11.18 -5.95
N ILE D 240 24.97 -9.87 -5.81
CA ILE D 240 23.75 -9.25 -6.36
C ILE D 240 23.71 -9.39 -7.87
N ALA D 241 24.85 -9.16 -8.54
CA ALA D 241 24.90 -9.28 -9.99
C ALA D 241 24.65 -10.71 -10.43
N ARG D 242 25.23 -11.68 -9.72
CA ARG D 242 25.00 -13.08 -10.05
C ARG D 242 23.53 -13.44 -9.89
N THR D 243 22.91 -12.99 -8.79
CA THR D 243 21.50 -13.26 -8.58
C THR D 243 20.64 -12.62 -9.66
N LEU D 244 20.97 -11.39 -10.05
CA LEU D 244 20.20 -10.72 -11.10
C LEU D 244 20.34 -11.44 -12.43
N TYR D 245 21.54 -11.92 -12.76
CA TYR D 245 21.72 -12.68 -13.98
C TYR D 245 20.93 -13.99 -13.95
N LYS D 246 20.99 -14.70 -12.82
CA LYS D 246 20.23 -15.95 -12.71
C LYS D 246 18.74 -15.70 -12.81
N SER D 247 18.27 -14.56 -12.29
CA SER D 247 16.85 -14.24 -12.39
C SER D 247 16.47 -13.89 -13.81
N THR D 248 17.28 -13.09 -14.50
CA THR D 248 17.02 -12.77 -15.90
C THR D 248 17.02 -14.03 -16.75
N LEU D 249 17.84 -15.03 -16.40
CA LEU D 249 17.83 -16.29 -17.11
C LEU D 249 16.64 -17.17 -16.73
N ASN D 250 16.13 -17.03 -15.50
CA ASN D 250 15.01 -17.85 -15.06
C ASN D 250 13.68 -17.24 -15.49
N ILE D 251 13.57 -15.91 -15.46
CA ILE D 251 12.30 -15.27 -15.81
C ILE D 251 11.92 -15.65 -17.24
N PRO D 252 10.64 -15.87 -17.55
CA PRO D 252 10.28 -16.24 -18.92
C PRO D 252 10.75 -15.20 -19.92
N THR D 253 11.49 -15.65 -20.93
CA THR D 253 12.01 -14.78 -21.97
C THR D 253 11.14 -14.74 -23.21
N GLU D 254 10.26 -15.74 -23.39
CA GLU D 254 9.42 -15.80 -24.57
C GLU D 254 8.28 -14.80 -24.55
N GLU D 255 8.00 -14.17 -23.42
CA GLU D 255 6.90 -13.22 -23.34
C GLU D 255 7.12 -12.07 -24.32
N GLN D 256 6.10 -11.78 -25.12
CA GLN D 256 6.22 -10.82 -26.21
C GLN D 256 6.32 -9.40 -25.66
N SER D 257 7.54 -8.85 -25.68
CA SER D 257 7.76 -7.43 -25.37
C SER D 257 7.19 -7.06 -24.01
N HIS D 258 7.18 -7.99 -23.07
CA HIS D 258 6.72 -7.72 -21.72
C HIS D 258 7.72 -8.11 -20.65
N ALA D 259 8.47 -9.20 -20.86
CA ALA D 259 9.50 -9.63 -19.92
C ALA D 259 10.90 -9.21 -20.34
N ARG D 260 11.15 -9.08 -21.64
CA ARG D 260 12.47 -8.66 -22.10
C ARG D 260 12.81 -7.26 -21.59
N LYS D 261 11.81 -6.40 -21.41
CA LYS D 261 12.07 -5.08 -20.84
C LYS D 261 12.61 -5.20 -19.41
N GLN D 262 11.97 -6.02 -18.60
CA GLN D 262 12.45 -6.23 -17.23
C GLN D 262 13.82 -6.90 -17.23
N ILE D 263 14.07 -7.81 -18.19
CA ILE D 263 15.37 -8.45 -18.27
C ILE D 263 16.46 -7.41 -18.57
N GLU D 264 16.19 -6.53 -19.53
CA GLU D 264 17.15 -5.47 -19.86
C GLU D 264 17.36 -4.55 -18.68
N SER D 265 16.30 -4.19 -17.97
CA SER D 265 16.44 -3.32 -16.80
C SER D 265 17.28 -4.00 -15.72
N ARG D 266 17.06 -5.29 -15.50
CA ARG D 266 17.83 -6.02 -14.50
C ARG D 266 19.31 -6.08 -14.89
N LYS D 267 19.59 -6.36 -16.17
CA LYS D 267 20.97 -6.38 -16.62
C LYS D 267 21.62 -5.00 -16.47
N ARG D 268 20.87 -3.94 -16.77
CA ARG D 268 21.41 -2.59 -16.65
C ARG D 268 21.74 -2.27 -15.21
N ILE D 269 20.83 -2.57 -14.28
CA ILE D 269 21.09 -2.27 -12.88
C ILE D 269 22.22 -3.15 -12.34
N ALA D 270 22.35 -4.38 -12.84
CA ALA D 270 23.47 -5.22 -12.43
C ALA D 270 24.79 -4.63 -12.88
N ARG D 271 24.87 -4.19 -14.14
CA ARG D 271 26.08 -3.54 -14.62
C ARG D 271 26.38 -2.28 -13.83
N THR D 272 25.34 -1.51 -13.48
CA THR D 272 25.55 -0.30 -12.69
C THR D 272 26.11 -0.64 -11.32
N VAL D 273 25.56 -1.66 -10.65
CA VAL D 273 26.05 -2.05 -9.34
C VAL D 273 27.49 -2.55 -9.45
N LEU D 274 27.81 -3.26 -10.52
CA LEU D 274 29.17 -3.75 -10.69
C LEU D 274 30.15 -2.61 -10.91
N VAL D 275 29.74 -1.59 -11.66
CA VAL D 275 30.61 -0.44 -11.90
C VAL D 275 30.70 0.46 -10.67
N LEU D 276 29.71 0.40 -9.79
CA LEU D 276 29.75 1.23 -8.58
C LEU D 276 30.98 0.91 -7.73
N VAL D 277 31.22 -0.38 -7.48
CA VAL D 277 32.37 -0.76 -6.67
C VAL D 277 33.67 -0.40 -7.37
N ALA D 278 33.71 -0.55 -8.69
CA ALA D 278 34.92 -0.18 -9.44
C ALA D 278 35.22 1.30 -9.28
N LEU D 279 34.20 2.15 -9.43
CA LEU D 279 34.40 3.58 -9.25
C LEU D 279 34.79 3.90 -7.81
N PHE D 280 34.16 3.24 -6.84
CA PHE D 280 34.51 3.45 -5.44
C PHE D 280 35.99 3.16 -5.21
N ALA D 281 36.47 2.02 -5.73
CA ALA D 281 37.87 1.66 -5.55
C ALA D 281 38.79 2.65 -6.24
N LEU D 282 38.51 2.97 -7.51
CA LEU D 282 39.35 3.90 -8.25
C LEU D 282 39.34 5.30 -7.62
N CYS D 283 38.31 5.64 -6.86
CA CYS D 283 38.24 6.95 -6.23
C CYS D 283 38.89 6.98 -4.86
N TRP D 284 38.80 5.90 -4.09
CA TRP D 284 39.32 5.87 -2.73
C TRP D 284 40.71 5.24 -2.62
N LEU D 285 41.25 4.70 -3.70
CA LEU D 285 42.61 4.18 -3.65
C LEU D 285 43.64 5.31 -3.75
N PRO D 286 43.46 6.28 -4.66
CA PRO D 286 44.47 7.35 -4.77
C PRO D 286 44.68 8.11 -3.47
N ASN D 287 43.59 8.58 -2.83
CA ASN D 287 43.73 9.36 -1.60
C ASN D 287 44.29 8.51 -0.47
N HIS D 288 43.91 7.22 -0.41
CA HIS D 288 44.44 6.35 0.62
C HIS D 288 45.94 6.16 0.45
N LEU D 289 46.39 5.91 -0.77
CA LEU D 289 47.82 5.78 -1.02
C LEU D 289 48.55 7.08 -0.72
N LEU D 290 47.93 8.22 -1.04
CA LEU D 290 48.52 9.52 -0.75
C LEU D 290 48.73 9.69 0.76
N TYR D 291 47.69 9.38 1.54
CA TYR D 291 47.80 9.53 2.99
C TYR D 291 48.80 8.55 3.57
N LEU D 292 48.84 7.33 3.03
CA LEU D 292 49.84 6.36 3.49
C LEU D 292 51.26 6.87 3.23
N TYR D 293 51.49 7.42 2.04
CA TYR D 293 52.81 7.98 1.73
C TYR D 293 53.14 9.13 2.67
N HIS D 294 52.19 10.05 2.87
CA HIS D 294 52.43 11.19 3.74
C HIS D 294 52.76 10.74 5.16
N SER D 295 52.07 9.70 5.64
CA SER D 295 52.29 9.25 7.01
C SER D 295 53.61 8.49 7.15
N PHE D 296 53.93 7.62 6.20
CA PHE D 296 55.17 6.87 6.26
C PHE D 296 56.38 7.77 6.07
N THR D 297 56.24 8.85 5.30
CA THR D 297 57.36 9.77 5.10
C THR D 297 57.48 10.74 6.27
N SER D 298 56.46 11.55 6.50
CA SER D 298 56.43 12.50 7.61
C SER D 298 57.73 13.31 7.65
N GLN D 299 58.10 13.87 6.50
CA GLN D 299 59.33 14.65 6.41
C GLN D 299 59.12 16.01 7.06
N THR D 300 59.83 16.24 8.16
CA THR D 300 59.72 17.48 8.91
C THR D 300 60.86 18.43 8.54
N TYR D 301 60.53 19.72 8.53
CA TYR D 301 61.44 20.81 8.18
C TYR D 301 61.78 20.84 6.69
N VAL D 302 61.28 19.91 5.90
CA VAL D 302 61.53 19.87 4.46
C VAL D 302 60.29 19.32 3.78
N ASP D 303 59.98 19.86 2.60
CA ASP D 303 58.81 19.45 1.83
C ASP D 303 59.24 19.19 0.39
N PRO D 304 58.91 18.02 -0.17
CA PRO D 304 59.28 17.76 -1.57
C PRO D 304 58.32 18.42 -2.56
N SER D 305 58.57 19.69 -2.89
CA SER D 305 57.73 20.45 -3.81
C SER D 305 58.06 20.08 -5.26
N ALA D 306 57.91 18.80 -5.57
CA ALA D 306 58.12 18.30 -6.93
C ALA D 306 56.77 18.31 -7.67
N MET D 307 56.72 17.67 -8.83
CA MET D 307 55.47 17.55 -9.57
C MET D 307 54.39 16.86 -8.76
N HIS D 308 54.77 16.15 -7.69
CA HIS D 308 53.84 15.38 -6.86
C HIS D 308 52.56 16.15 -6.62
N PHE D 309 52.66 17.48 -6.51
CA PHE D 309 51.49 18.34 -6.34
C PHE D 309 50.31 17.84 -7.18
N ILE D 310 50.46 17.86 -8.50
CA ILE D 310 49.33 17.45 -9.34
C ILE D 310 48.77 16.13 -8.85
N PHE D 311 49.62 15.12 -8.71
CA PHE D 311 49.18 13.81 -8.25
C PHE D 311 48.24 13.96 -7.05
N THR D 312 48.74 14.55 -5.97
CA THR D 312 47.92 14.60 -4.76
C THR D 312 46.58 15.26 -5.05
N ILE D 313 46.60 16.43 -5.70
CA ILE D 313 45.33 17.11 -5.94
C ILE D 313 44.45 16.25 -6.84
N PHE D 314 45.04 15.61 -7.83
CA PHE D 314 44.29 14.66 -8.64
C PHE D 314 43.56 13.66 -7.76
N SER D 315 44.31 13.02 -6.85
CA SER D 315 43.68 12.08 -5.92
C SER D 315 42.49 12.74 -5.22
N ARG D 316 42.70 13.96 -4.70
CA ARG D 316 41.61 14.66 -4.03
C ARG D 316 40.37 14.69 -4.91
N VAL D 317 40.54 15.10 -6.17
CA VAL D 317 39.40 15.15 -7.10
C VAL D 317 38.70 13.80 -7.12
N LEU D 318 39.48 12.73 -7.33
CA LEU D 318 38.90 11.40 -7.33
C LEU D 318 38.23 11.09 -5.99
N ALA D 319 38.89 11.44 -4.89
CA ALA D 319 38.31 11.20 -3.58
C ALA D 319 36.95 11.86 -3.44
N PHE D 320 36.70 12.92 -4.22
CA PHE D 320 35.42 13.61 -4.19
C PHE D 320 34.47 13.11 -5.28
N SER D 321 35.02 12.55 -6.37
CA SER D 321 34.17 12.06 -7.45
C SER D 321 33.13 11.08 -6.94
N ASN D 322 33.55 10.14 -6.08
CA ASN D 322 32.61 9.18 -5.53
C ASN D 322 31.44 9.88 -4.84
N SER D 323 31.73 10.97 -4.13
CA SER D 323 30.65 11.70 -3.45
C SER D 323 29.60 12.15 -4.44
N CYS D 324 30.01 12.53 -5.66
CA CYS D 324 29.07 12.93 -6.69
C CYS D 324 28.49 11.73 -7.44
N VAL D 325 29.16 10.57 -7.38
CA VAL D 325 28.67 9.41 -8.11
C VAL D 325 27.50 8.76 -7.39
N ASN D 326 27.49 8.80 -6.05
CA ASN D 326 26.44 8.12 -5.30
C ASN D 326 25.05 8.62 -5.66
N PRO D 327 24.77 9.93 -5.65
CA PRO D 327 23.43 10.38 -6.07
C PRO D 327 23.11 9.98 -7.50
N PHE D 328 23.96 10.41 -8.44
CA PHE D 328 23.73 10.10 -9.85
C PHE D 328 23.59 8.60 -10.07
N ALA D 329 24.39 7.80 -9.36
CA ALA D 329 24.24 6.35 -9.43
C ALA D 329 22.78 5.95 -9.24
N LEU D 330 22.18 6.39 -8.14
CA LEU D 330 20.77 6.09 -7.90
C LEU D 330 19.91 6.65 -9.02
N TYR D 331 20.24 7.84 -9.51
CA TYR D 331 19.49 8.42 -10.62
C TYR D 331 19.47 7.49 -11.82
N TRP D 332 20.55 6.70 -11.99
CA TRP D 332 20.61 5.79 -13.12
C TRP D 332 19.86 4.49 -12.84
N LEU D 333 19.69 4.14 -11.56
CA LEU D 333 19.08 2.86 -11.22
C LEU D 333 17.60 2.82 -11.60
N SER D 334 16.80 3.71 -11.02
CA SER D 334 15.36 3.70 -11.22
C SER D 334 14.97 4.67 -12.33
N LYS D 335 13.69 4.60 -12.71
CA LYS D 335 13.14 5.43 -13.78
C LYS D 335 12.27 6.56 -13.25
N SER D 336 11.24 6.22 -12.46
CA SER D 336 10.42 7.27 -11.85
C SER D 336 11.24 8.11 -10.88
N PHE D 337 12.34 7.55 -10.36
CA PHE D 337 13.24 8.34 -9.54
C PHE D 337 13.75 9.55 -10.32
N GLN D 338 14.21 9.33 -11.55
CA GLN D 338 14.61 10.44 -12.40
C GLN D 338 13.46 11.40 -12.63
N LYS D 339 12.25 10.86 -12.78
CA LYS D 339 11.08 11.71 -13.00
C LYS D 339 10.91 12.71 -11.86
N HIS D 340 10.77 12.20 -10.63
CA HIS D 340 10.54 13.13 -9.52
C HIS D 340 11.80 13.93 -9.18
N PHE D 341 12.98 13.46 -9.56
CA PHE D 341 14.20 14.24 -9.37
C PHE D 341 14.18 15.48 -10.25
N LYS D 342 13.92 15.29 -11.55
CA LYS D 342 13.78 16.44 -12.44
C LYS D 342 12.59 17.31 -12.04
N ALA D 343 11.54 16.71 -11.50
CA ALA D 343 10.40 17.49 -11.03
C ALA D 343 10.81 18.44 -9.91
N GLN D 344 11.39 17.90 -8.84
CA GLN D 344 11.83 18.75 -7.74
C GLN D 344 12.94 19.69 -8.16
N LEU D 345 13.77 19.29 -9.13
CA LEU D 345 14.85 20.13 -9.62
C LEU D 345 14.29 21.21 -10.53
N GLN E 2 51.20 22.72 2.79
CA GLN E 2 49.87 22.31 3.24
C GLN E 2 49.08 21.49 2.24
N TRP E 3 49.52 21.51 0.98
CA TRP E 3 49.20 20.40 0.10
C TRP E 3 50.13 19.22 0.34
N ALA E 4 51.07 19.41 1.23
CA ALA E 4 52.35 18.77 1.23
C ALA E 4 52.58 18.27 2.63
N VAL E 5 52.97 17.00 2.65
CA VAL E 5 53.45 16.25 3.81
C VAL E 5 52.47 16.20 4.93
N HIS E 7 47.76 14.82 6.09
CA HIS E 7 46.49 14.77 6.74
C HIS E 7 45.49 14.16 5.79
N PHE E 8 44.63 13.31 6.35
CA PHE E 8 43.65 12.58 5.58
C PHE E 8 42.49 13.46 5.13
#